data_4LKB
#
_entry.id   4LKB
#
_cell.length_a   111.022
_cell.length_b   132.926
_cell.length_c   133.121
_cell.angle_alpha   90.00
_cell.angle_beta   90.00
_cell.angle_gamma   90.00
#
_symmetry.space_group_name_H-M   'I 2 2 2'
#
loop_
_entity.id
_entity.type
_entity.pdbx_description
1 polymer 'hypothetical protein alr4568/putative 4-Oxalocrotonate Tautomerase'
2 non-polymer GLYCEROL
3 non-polymer 'SULFATE ION'
4 water water
#
_entity_poly.entity_id   1
_entity_poly.type   'polypeptide(L)'
_entity_poly.pdbx_seq_one_letter_code
;(MSE)HHHHHHSSGVDLGTENLYFQS(MSE)VQIKVYGLAEKLNPIKAELSNILHTSLIEVLQISPEKRFHRFFPLDKLD
FYYPSDRTDNYLIIEII(MSE)FEGRSVETKKQLLRDIFKKVDEKFGISVYDIEITLFEIPKQNWGIRGIPGDELNLSYK
VEV
;
_entity_poly.pdbx_strand_id   F,B,C,D,E,A
#
loop_
_chem_comp.id
_chem_comp.type
_chem_comp.name
_chem_comp.formula
GOL non-polymer GLYCEROL 'C3 H8 O3'
SO4 non-polymer 'SULFATE ION' 'O4 S -2'
#
# COMPACT_ATOMS: atom_id res chain seq x y z
N SER A 22 5.00 14.09 16.20
CA SER A 22 5.31 12.69 15.73
C SER A 22 5.13 11.57 16.81
N MSE A 23 4.22 10.67 16.52
CA MSE A 23 3.78 9.56 17.40
C MSE A 23 4.50 8.30 17.07
O MSE A 23 4.46 7.83 15.96
CB MSE A 23 2.32 9.43 17.02
CG MSE A 23 1.55 8.39 17.79
SE MSE A 23 1.31 8.90 19.67
CE MSE A 23 1.62 10.85 19.68
N VAL A 24 5.22 7.75 18.05
CA VAL A 24 5.91 6.53 17.86
C VAL A 24 5.69 5.63 19.09
N GLN A 25 5.21 4.41 18.85
CA GLN A 25 5.07 3.38 19.87
C GLN A 25 6.15 2.33 19.70
N ILE A 26 6.75 1.89 20.80
CA ILE A 26 7.67 0.83 20.78
C ILE A 26 7.13 -0.29 21.66
N LYS A 27 7.25 -1.50 21.15
CA LYS A 27 6.98 -2.71 21.89
C LYS A 27 8.20 -3.58 21.86
N VAL A 28 8.63 -4.06 23.02
CA VAL A 28 9.88 -4.83 23.12
C VAL A 28 9.63 -6.15 23.78
N TYR A 29 10.14 -7.23 23.18
CA TYR A 29 9.97 -8.57 23.67
C TYR A 29 11.32 -9.21 23.89
N GLY A 30 11.45 -10.01 24.95
CA GLY A 30 12.65 -10.85 25.19
C GLY A 30 12.37 -11.85 26.33
N LEU A 31 13.27 -12.78 26.57
CA LEU A 31 13.21 -13.68 27.74
C LEU A 31 13.21 -12.85 29.02
N ALA A 32 12.21 -13.07 29.88
CA ALA A 32 12.02 -12.28 31.13
C ALA A 32 13.37 -12.08 31.95
N GLU A 33 14.02 -13.18 32.23
CA GLU A 33 15.40 -13.19 32.86
C GLU A 33 16.36 -12.16 32.26
N LYS A 34 16.40 -12.06 30.92
CA LYS A 34 17.32 -11.11 30.27
C LYS A 34 16.76 -9.74 30.17
N LEU A 35 15.48 -9.64 29.86
CA LEU A 35 14.91 -8.31 29.60
C LEU A 35 14.68 -7.54 30.88
N ASN A 36 14.24 -8.21 31.94
CA ASN A 36 13.81 -7.44 33.13
C ASN A 36 14.96 -6.62 33.73
N PRO A 37 16.19 -7.17 33.80
CA PRO A 37 17.33 -6.32 34.33
C PRO A 37 17.74 -5.12 33.45
N ILE A 38 17.41 -5.14 32.14
CA ILE A 38 17.87 -4.08 31.27
C ILE A 38 16.83 -3.08 30.86
N LYS A 39 15.55 -3.42 31.07
CA LYS A 39 14.49 -2.72 30.38
C LYS A 39 14.48 -1.25 30.75
N ALA A 40 14.75 -0.93 32.03
CA ALA A 40 14.72 0.54 32.37
C ALA A 40 15.75 1.29 31.52
N GLU A 41 16.96 0.76 31.44
CA GLU A 41 18.02 1.47 30.67
C GLU A 41 17.78 1.32 29.16
N LEU A 42 17.29 0.14 28.74
CA LEU A 42 16.90 -0.03 27.32
C LEU A 42 15.89 1.01 26.91
N SER A 43 14.92 1.26 27.75
CA SER A 43 13.98 2.24 27.36
C SER A 43 14.70 3.60 27.06
N ASN A 44 15.68 3.96 27.90
CA ASN A 44 16.34 5.29 27.72
C ASN A 44 17.09 5.38 26.45
N ILE A 45 17.81 4.32 26.15
CA ILE A 45 18.60 4.17 24.94
C ILE A 45 17.69 4.20 23.71
N LEU A 46 16.55 3.48 23.72
CA LEU A 46 15.71 3.53 22.53
C LEU A 46 15.14 4.91 22.36
N HIS A 47 14.70 5.53 23.43
CA HIS A 47 14.14 6.83 23.33
C HIS A 47 15.13 7.95 22.80
N THR A 48 16.36 7.87 23.25
CA THR A 48 17.46 8.71 22.76
C THR A 48 17.67 8.46 21.26
N SER A 49 17.62 7.21 20.90
CA SER A 49 17.74 6.86 19.51
C SER A 49 16.70 7.55 18.68
N LEU A 50 15.45 7.51 19.15
CA LEU A 50 14.37 8.12 18.40
C LEU A 50 14.44 9.64 18.38
N ILE A 51 14.87 10.26 19.47
CA ILE A 51 15.08 11.70 19.51
C ILE A 51 16.15 12.08 18.45
N GLU A 52 17.29 11.41 18.45
CA GLU A 52 18.37 11.74 17.53
C GLU A 52 18.06 11.45 16.03
N VAL A 53 17.47 10.29 15.71
CA VAL A 53 17.22 9.99 14.28
C VAL A 53 15.87 10.58 13.81
N LEU A 54 14.82 10.46 14.59
CA LEU A 54 13.52 10.91 14.12
C LEU A 54 13.15 12.28 14.59
N GLN A 55 13.88 12.81 15.57
CA GLN A 55 13.68 14.17 16.08
C GLN A 55 12.31 14.22 16.72
N ILE A 56 11.89 13.13 17.34
CA ILE A 56 10.63 13.21 18.09
C ILE A 56 10.88 14.13 19.32
N SER A 57 9.80 14.65 19.90
CA SER A 57 9.86 15.41 21.17
C SER A 57 10.37 14.55 22.37
N PRO A 58 11.37 15.06 23.12
CA PRO A 58 11.96 14.26 24.18
C PRO A 58 10.98 13.86 25.26
N GLU A 59 9.84 14.53 25.34
CA GLU A 59 8.78 14.19 26.28
C GLU A 59 7.99 12.95 25.85
N LYS A 60 7.91 12.70 24.54
CA LYS A 60 7.00 11.71 23.96
C LYS A 60 7.55 10.26 23.89
N ARG A 61 7.76 9.66 25.07
CA ARG A 61 8.18 8.26 25.17
C ARG A 61 6.96 7.35 25.38
N PHE A 62 6.74 6.40 24.46
CA PHE A 62 5.59 5.46 24.54
C PHE A 62 6.19 4.12 24.35
N HIS A 63 6.44 3.40 25.45
CA HIS A 63 7.05 2.09 25.37
C HIS A 63 6.26 1.07 26.15
N ARG A 64 6.23 -0.13 25.62
CA ARG A 64 5.63 -1.31 26.29
C ARG A 64 6.60 -2.43 26.20
N PHE A 65 6.83 -3.11 27.33
CA PHE A 65 7.74 -4.21 27.37
C PHE A 65 7.00 -5.54 27.63
N PHE A 66 7.47 -6.61 27.01
CA PHE A 66 6.87 -7.90 27.14
C PHE A 66 7.89 -8.92 27.53
N PRO A 67 8.18 -9.04 28.81
CA PRO A 67 8.99 -10.14 29.30
C PRO A 67 8.28 -11.45 29.17
N LEU A 68 8.92 -12.43 28.53
CA LEU A 68 8.30 -13.70 28.21
C LEU A 68 8.88 -14.81 29.02
N ASP A 69 7.99 -15.71 29.41
CA ASP A 69 8.40 -16.93 30.04
C ASP A 69 9.16 -17.75 29.03
N LYS A 70 10.11 -18.48 29.60
CA LYS A 70 11.01 -19.37 28.87
C LYS A 70 10.23 -20.22 27.91
N LEU A 71 9.08 -20.68 28.36
CA LEU A 71 8.35 -21.64 27.52
C LEU A 71 7.50 -20.98 26.44
N ASP A 72 7.44 -19.65 26.45
CA ASP A 72 6.66 -18.91 25.48
C ASP A 72 7.47 -18.26 24.41
N PHE A 73 8.78 -18.51 24.42
CA PHE A 73 9.67 -17.76 23.52
C PHE A 73 10.57 -18.69 22.71
N TYR A 74 10.30 -18.88 21.44
CA TYR A 74 11.17 -19.70 20.57
C TYR A 74 11.94 -18.86 19.58
N TYR A 75 13.27 -18.93 19.64
CA TYR A 75 14.14 -18.16 18.68
C TYR A 75 15.06 -19.10 18.01
N PRO A 76 15.77 -18.61 17.04
CA PRO A 76 16.43 -19.59 16.24
C PRO A 76 17.49 -20.37 17.04
N SER A 77 17.66 -21.59 16.62
CA SER A 77 18.58 -22.50 17.24
C SER A 77 20.02 -22.09 17.01
N ASP A 78 20.29 -21.16 16.09
CA ASP A 78 21.69 -20.62 15.94
C ASP A 78 21.92 -19.35 16.75
N ARG A 79 20.92 -18.88 17.45
CA ARG A 79 20.97 -17.62 18.17
C ARG A 79 20.85 -17.90 19.66
N THR A 80 20.74 -16.86 20.49
CA THR A 80 20.81 -17.12 21.96
C THR A 80 19.67 -16.47 22.70
N ASP A 81 19.64 -16.72 24.01
CA ASP A 81 18.55 -16.33 24.88
C ASP A 81 18.61 -14.85 25.15
N ASN A 82 19.58 -14.14 24.54
CA ASN A 82 19.50 -12.66 24.55
C ASN A 82 18.62 -12.10 23.40
N TYR A 83 18.02 -13.00 22.61
CA TYR A 83 17.17 -12.57 21.45
C TYR A 83 16.16 -11.51 21.89
N LEU A 84 16.20 -10.40 21.20
CA LEU A 84 15.51 -9.21 21.54
C LEU A 84 14.76 -8.70 20.32
N ILE A 85 13.45 -8.54 20.46
CA ILE A 85 12.60 -8.09 19.36
C ILE A 85 12.00 -6.75 19.64
N ILE A 86 12.14 -5.86 18.68
CA ILE A 86 11.71 -4.45 18.90
C ILE A 86 10.76 -4.14 17.75
N GLU A 87 9.50 -3.82 18.06
CA GLU A 87 8.54 -3.38 17.08
C GLU A 87 8.26 -1.93 17.33
N ILE A 88 8.30 -1.17 16.27
CA ILE A 88 8.10 0.26 16.30
C ILE A 88 6.89 0.59 15.36
N ILE A 89 5.91 1.27 15.88
CA ILE A 89 4.75 1.68 15.13
C ILE A 89 4.73 3.18 15.05
N MSE A 90 4.66 3.69 13.83
CA MSE A 90 4.85 5.10 13.60
C MSE A 90 4.05 5.59 12.43
O MSE A 90 3.58 4.76 11.57
CB MSE A 90 6.35 5.34 13.31
CG MSE A 90 6.92 4.52 12.14
SE MSE A 90 8.87 4.77 11.77
CE MSE A 90 9.12 2.93 11.46
N PHE A 91 3.94 6.91 12.32
CA PHE A 91 3.28 7.52 11.19
C PHE A 91 4.05 7.25 9.89
N GLU A 92 3.31 6.98 8.82
CA GLU A 92 3.93 6.98 7.47
C GLU A 92 4.50 8.33 7.21
N GLY A 93 5.41 8.42 6.27
CA GLY A 93 5.85 9.68 5.77
C GLY A 93 7.35 9.97 5.87
N ARG A 94 8.09 9.13 6.58
CA ARG A 94 9.55 9.35 6.74
C ARG A 94 10.23 8.75 5.47
N SER A 95 11.47 9.10 5.15
CA SER A 95 12.18 8.54 4.02
C SER A 95 12.67 7.21 4.34
N VAL A 96 12.93 6.44 3.31
CA VAL A 96 13.63 5.18 3.49
C VAL A 96 15.02 5.44 4.09
N GLU A 97 15.71 6.50 3.71
CA GLU A 97 17.05 6.76 4.35
C GLU A 97 16.98 6.96 5.89
N THR A 98 16.02 7.77 6.33
CA THR A 98 15.82 7.99 7.76
C THR A 98 15.45 6.70 8.46
N LYS A 99 14.58 5.89 7.86
CA LYS A 99 14.21 4.63 8.53
C LYS A 99 15.36 3.69 8.64
N LYS A 100 16.12 3.55 7.57
CA LYS A 100 17.35 2.75 7.63
C LYS A 100 18.35 3.26 8.67
N GLN A 101 18.44 4.57 8.85
CA GLN A 101 19.38 5.12 9.80
C GLN A 101 18.83 4.80 11.23
N LEU A 102 17.51 4.76 11.40
CA LEU A 102 16.98 4.35 12.69
C LEU A 102 17.34 2.90 13.04
N LEU A 103 17.17 2.02 12.07
CA LEU A 103 17.49 0.63 12.32
C LEU A 103 18.99 0.52 12.75
N ARG A 104 19.86 1.16 11.98
CA ARG A 104 21.33 1.01 12.20
C ARG A 104 21.70 1.67 13.56
N ASP A 105 21.09 2.76 13.91
CA ASP A 105 21.32 3.35 15.21
C ASP A 105 20.91 2.43 16.39
N ILE A 106 19.76 1.77 16.27
CA ILE A 106 19.27 0.93 17.37
C ILE A 106 20.16 -0.25 17.51
N PHE A 107 20.49 -0.85 16.39
CA PHE A 107 21.37 -2.02 16.43
C PHE A 107 22.72 -1.60 17.11
N LYS A 108 23.28 -0.50 16.65
CA LYS A 108 24.55 0.02 17.19
C LYS A 108 24.46 0.31 18.70
N LYS A 109 23.50 1.12 19.13
CA LYS A 109 23.40 1.53 20.55
C LYS A 109 23.10 0.38 21.55
N VAL A 110 22.34 -0.60 21.13
CA VAL A 110 22.00 -1.73 21.97
C VAL A 110 23.17 -2.71 22.11
N ASP A 111 23.83 -3.00 20.98
CA ASP A 111 25.09 -3.78 20.96
C ASP A 111 26.15 -3.15 21.91
N GLU A 112 26.37 -1.85 21.77
CA GLU A 112 27.38 -1.18 22.58
C GLU A 112 26.97 -1.12 24.06
N LYS A 113 25.72 -0.74 24.36
CA LYS A 113 25.29 -0.58 25.75
C LYS A 113 25.16 -1.90 26.47
N PHE A 114 24.70 -2.94 25.81
CA PHE A 114 24.38 -4.16 26.54
C PHE A 114 25.20 -5.35 26.11
N GLY A 115 26.06 -5.21 25.11
CA GLY A 115 26.80 -6.37 24.64
C GLY A 115 25.88 -7.44 24.06
N ILE A 116 24.73 -7.07 23.54
CA ILE A 116 23.89 -8.05 22.86
C ILE A 116 24.32 -7.97 21.42
N SER A 117 24.60 -9.12 20.85
CA SER A 117 25.01 -9.18 19.42
C SER A 117 23.89 -8.70 18.46
N VAL A 118 24.26 -8.01 17.38
CA VAL A 118 23.26 -7.62 16.34
C VAL A 118 22.52 -8.80 15.74
N TYR A 119 23.10 -10.01 15.76
CA TYR A 119 22.40 -11.23 15.30
C TYR A 119 21.27 -11.69 16.23
N ASP A 120 21.26 -11.15 17.45
CA ASP A 120 20.24 -11.34 18.44
C ASP A 120 19.28 -10.17 18.54
N ILE A 121 19.36 -9.24 17.62
CA ILE A 121 18.38 -8.12 17.60
C ILE A 121 17.60 -8.22 16.28
N GLU A 122 16.28 -8.08 16.40
CA GLU A 122 15.38 -7.95 15.29
C GLU A 122 14.52 -6.70 15.49
N ILE A 123 14.42 -5.87 14.47
CA ILE A 123 13.62 -4.66 14.55
C ILE A 123 12.62 -4.65 13.40
N THR A 124 11.36 -4.33 13.70
CA THR A 124 10.36 -4.17 12.63
C THR A 124 9.60 -2.91 12.78
N LEU A 125 9.57 -2.15 11.69
CA LEU A 125 8.83 -0.90 11.58
C LEU A 125 7.46 -1.15 10.92
N PHE A 126 6.39 -0.74 11.58
CA PHE A 126 5.02 -0.65 10.99
C PHE A 126 4.60 0.82 10.84
N GLU A 127 4.37 1.27 9.62
CA GLU A 127 3.91 2.59 9.34
C GLU A 127 2.40 2.61 9.15
N ILE A 128 1.80 3.65 9.70
CA ILE A 128 0.35 3.76 9.85
C ILE A 128 0.02 5.08 9.21
N PRO A 129 -0.96 5.10 8.30
CA PRO A 129 -1.38 6.41 7.75
C PRO A 129 -1.99 7.21 8.92
N LYS A 130 -1.83 8.52 8.92
CA LYS A 130 -2.14 9.37 10.07
C LYS A 130 -3.62 9.37 10.35
N GLN A 131 -4.44 9.27 9.30
CA GLN A 131 -5.87 9.21 9.48
C GLN A 131 -6.31 7.93 10.15
N ASN A 132 -5.42 6.94 10.27
CA ASN A 132 -5.76 5.68 10.92
C ASN A 132 -5.43 5.66 12.42
N TRP A 133 -4.98 6.79 12.98
CA TRP A 133 -4.51 6.86 14.37
C TRP A 133 -5.33 7.93 15.13
N GLY A 134 -5.91 7.60 16.26
CA GLY A 134 -6.64 8.60 17.07
C GLY A 134 -5.75 8.97 18.24
N ILE A 135 -5.53 10.27 18.42
CA ILE A 135 -4.66 10.81 19.44
C ILE A 135 -5.33 12.05 20.05
N ARG A 136 -5.51 12.08 21.37
CA ARG A 136 -6.02 13.25 22.08
C ARG A 136 -7.37 13.63 21.50
N GLY A 137 -8.18 12.62 21.24
CA GLY A 137 -9.52 12.87 20.71
C GLY A 137 -9.68 13.10 19.25
N ILE A 138 -8.60 13.21 18.50
CA ILE A 138 -8.79 13.54 17.10
C ILE A 138 -7.97 12.63 16.17
N PRO A 139 -8.40 12.53 14.92
CA PRO A 139 -7.62 11.69 14.02
C PRO A 139 -6.30 12.39 13.74
N GLY A 140 -5.29 11.61 13.45
CA GLY A 140 -3.91 12.08 13.45
C GLY A 140 -3.57 12.99 12.27
N ASP A 141 -4.35 12.90 11.19
CA ASP A 141 -4.14 13.77 10.06
C ASP A 141 -4.71 15.17 10.34
N GLU A 142 -5.45 15.31 11.43
CA GLU A 142 -5.94 16.59 11.87
C GLU A 142 -4.96 16.99 13.01
N GLN B 21 -7.64 -15.65 -17.25
CA GLN B 21 -8.33 -14.72 -16.28
C GLN B 21 -7.61 -13.45 -15.84
N SER B 22 -6.29 -13.43 -15.88
CA SER B 22 -5.59 -12.18 -15.58
C SER B 22 -5.70 -11.07 -16.65
N MSE B 23 -5.99 -9.88 -16.17
CA MSE B 23 -6.06 -8.68 -16.95
C MSE B 23 -4.67 -8.12 -16.91
O MSE B 23 -4.17 -7.83 -15.81
CB MSE B 23 -6.86 -7.61 -16.20
CG MSE B 23 -8.31 -7.65 -16.36
SE MSE B 23 -8.82 -7.51 -18.27
CE MSE B 23 -7.60 -6.16 -19.03
N VAL B 24 -4.07 -7.90 -18.08
CA VAL B 24 -2.79 -7.21 -18.25
C VAL B 24 -2.93 -6.33 -19.47
N GLN B 25 -2.87 -5.03 -19.20
CA GLN B 25 -2.77 -3.96 -20.18
C GLN B 25 -1.31 -3.49 -20.30
N ILE B 26 -0.86 -3.35 -21.56
CA ILE B 26 0.46 -2.85 -21.86
C ILE B 26 0.32 -1.54 -22.60
N LYS B 27 1.06 -0.52 -22.14
CA LYS B 27 1.16 0.74 -22.84
C LYS B 27 2.67 0.95 -23.24
N VAL B 28 2.93 1.11 -24.54
CA VAL B 28 4.29 1.15 -25.12
C VAL B 28 4.60 2.49 -25.80
N TYR B 29 5.70 3.11 -25.38
CA TYR B 29 6.06 4.49 -25.77
C TYR B 29 7.44 4.40 -26.42
N GLY B 30 7.59 5.00 -27.58
CA GLY B 30 8.88 5.11 -28.25
C GLY B 30 8.83 6.23 -29.28
N LEU B 31 9.99 6.59 -29.81
CA LEU B 31 10.04 7.53 -30.93
C LEU B 31 9.28 6.98 -32.12
N ALA B 32 8.37 7.75 -32.71
CA ALA B 32 7.51 7.27 -33.82
C ALA B 32 8.26 6.53 -34.97
N GLU B 33 9.31 7.15 -35.47
CA GLU B 33 10.11 6.56 -36.56
C GLU B 33 10.72 5.20 -36.21
N LYS B 34 10.99 4.95 -34.92
CA LYS B 34 11.56 3.67 -34.53
C LYS B 34 10.46 2.65 -34.17
N LEU B 35 9.45 3.15 -33.48
CA LEU B 35 8.38 2.34 -32.99
C LEU B 35 7.42 1.85 -34.10
N ASN B 36 7.11 2.71 -35.07
CA ASN B 36 6.12 2.39 -36.12
C ASN B 36 6.50 1.12 -36.93
N PRO B 37 7.79 0.94 -37.33
CA PRO B 37 8.10 -0.23 -38.12
C PRO B 37 8.11 -1.49 -37.33
N ILE B 38 8.23 -1.41 -36.02
CA ILE B 38 8.31 -2.68 -35.31
C ILE B 38 7.12 -3.04 -34.46
N LYS B 39 6.19 -2.10 -34.27
CA LYS B 39 5.14 -2.25 -33.24
C LYS B 39 4.30 -3.48 -33.41
N ALA B 40 4.06 -3.88 -34.67
CA ALA B 40 3.24 -5.08 -34.96
C ALA B 40 3.89 -6.36 -34.45
N GLU B 41 5.18 -6.53 -34.75
CA GLU B 41 5.93 -7.66 -34.27
C GLU B 41 6.21 -7.53 -32.79
N LEU B 42 6.39 -6.29 -32.32
CA LEU B 42 6.61 -6.09 -30.89
C LEU B 42 5.40 -6.49 -30.08
N SER B 43 4.18 -6.21 -30.56
CA SER B 43 2.98 -6.64 -29.89
C SER B 43 3.01 -8.17 -29.73
N ASN B 44 3.41 -8.88 -30.77
CA ASN B 44 3.49 -10.39 -30.69
C ASN B 44 4.51 -10.87 -29.67
N ILE B 45 5.67 -10.22 -29.69
CA ILE B 45 6.74 -10.62 -28.75
C ILE B 45 6.32 -10.41 -27.33
N LEU B 46 5.76 -9.24 -27.07
CA LEU B 46 5.37 -8.93 -25.71
C LEU B 46 4.27 -9.90 -25.24
N HIS B 47 3.26 -10.18 -26.09
CA HIS B 47 2.20 -11.11 -25.73
C HIS B 47 2.78 -12.49 -25.39
N THR B 48 3.75 -12.92 -26.16
CA THR B 48 4.28 -14.22 -25.96
C THR B 48 4.98 -14.28 -24.63
N SER B 49 5.71 -13.21 -24.30
CA SER B 49 6.29 -13.13 -22.97
C SER B 49 5.27 -13.21 -21.84
N LEU B 50 4.17 -12.50 -21.93
CA LEU B 50 3.19 -12.57 -20.88
C LEU B 50 2.57 -13.99 -20.79
N ILE B 51 2.35 -14.63 -21.93
CA ILE B 51 1.77 -15.97 -21.93
C ILE B 51 2.76 -16.91 -21.26
N GLU B 52 4.04 -16.82 -21.63
CA GLU B 52 4.98 -17.74 -21.08
C GLU B 52 5.25 -17.51 -19.58
N VAL B 53 5.21 -16.26 -19.09
CA VAL B 53 5.70 -16.01 -17.73
C VAL B 53 4.52 -15.93 -16.82
N LEU B 54 3.49 -15.21 -17.20
CA LEU B 54 2.35 -14.99 -16.34
C LEU B 54 1.23 -15.99 -16.61
N GLN B 55 1.36 -16.76 -17.69
CA GLN B 55 0.36 -17.76 -18.07
C GLN B 55 -0.99 -17.17 -18.27
N ILE B 56 -1.05 -15.96 -18.86
CA ILE B 56 -2.31 -15.39 -19.22
C ILE B 56 -2.91 -16.17 -20.43
N SER B 57 -4.22 -16.07 -20.62
CA SER B 57 -4.81 -16.71 -21.79
C SER B 57 -4.18 -16.13 -23.09
N PRO B 58 -3.82 -16.98 -24.04
CA PRO B 58 -3.41 -16.52 -25.32
C PRO B 58 -4.41 -15.68 -26.12
N GLU B 59 -5.67 -15.57 -25.72
CA GLU B 59 -6.59 -14.71 -26.43
C GLU B 59 -6.83 -13.38 -25.70
N LYS B 60 -5.99 -13.07 -24.72
CA LYS B 60 -6.20 -11.86 -23.92
C LYS B 60 -5.04 -10.82 -24.00
N ARG B 61 -4.87 -10.31 -25.21
CA ARG B 61 -3.94 -9.30 -25.54
C ARG B 61 -4.58 -7.95 -25.54
N PHE B 62 -4.03 -7.08 -24.71
CA PHE B 62 -4.48 -5.70 -24.58
C PHE B 62 -3.28 -4.71 -24.60
N HIS B 63 -3.04 -4.07 -25.74
CA HIS B 63 -1.84 -3.29 -25.96
C HIS B 63 -2.25 -1.96 -26.57
N ARG B 64 -1.63 -0.89 -26.13
CA ARG B 64 -1.77 0.40 -26.73
C ARG B 64 -0.39 0.94 -27.06
N PHE B 65 -0.20 1.56 -28.24
CA PHE B 65 1.11 2.08 -28.65
C PHE B 65 1.01 3.59 -28.76
N PHE B 66 2.03 4.28 -28.28
CA PHE B 66 2.10 5.77 -28.29
C PHE B 66 3.38 6.15 -29.03
N PRO B 67 3.36 6.07 -30.39
CA PRO B 67 4.55 6.62 -31.12
C PRO B 67 4.74 8.13 -30.86
N LEU B 68 5.90 8.58 -30.43
CA LEU B 68 6.04 9.99 -30.03
C LEU B 68 6.86 10.80 -31.08
N ASP B 69 6.46 12.03 -31.27
CA ASP B 69 7.32 12.98 -31.98
C ASP B 69 8.56 13.21 -31.16
N LYS B 70 9.60 13.48 -31.90
CA LYS B 70 10.90 13.80 -31.38
C LYS B 70 10.85 14.86 -30.29
N LEU B 71 10.11 15.92 -30.55
CA LEU B 71 10.03 17.07 -29.64
C LEU B 71 9.14 16.81 -28.43
N ASP B 72 8.45 15.68 -28.41
CA ASP B 72 7.63 15.27 -27.27
C ASP B 72 8.29 14.20 -26.39
N PHE B 73 9.58 13.87 -26.63
CA PHE B 73 10.23 12.72 -25.99
C PHE B 73 11.70 13.01 -25.62
N TYR B 74 11.97 13.25 -24.33
CA TYR B 74 13.33 13.50 -23.83
C TYR B 74 13.80 12.34 -23.00
N TYR B 75 15.04 11.95 -23.24
CA TYR B 75 15.62 10.89 -22.50
C TYR B 75 17.14 11.13 -22.37
N PRO B 76 17.81 10.46 -21.44
CA PRO B 76 19.21 10.81 -21.28
C PRO B 76 20.09 10.39 -22.46
N SER B 77 21.33 10.84 -22.44
CA SER B 77 22.27 10.65 -23.54
C SER B 77 22.83 9.27 -23.56
N ASP B 78 22.66 8.50 -22.49
CA ASP B 78 23.08 7.15 -22.51
C ASP B 78 21.90 6.19 -22.95
N ARG B 79 20.78 6.75 -23.37
CA ARG B 79 19.76 6.00 -24.09
C ARG B 79 19.81 6.46 -25.56
N THR B 80 19.59 5.56 -26.50
CA THR B 80 19.58 5.92 -27.94
C THR B 80 18.12 6.13 -28.34
N ASP B 81 17.93 6.53 -29.61
CA ASP B 81 16.62 6.72 -30.19
C ASP B 81 15.80 5.43 -30.26
N ASN B 82 16.36 4.30 -29.84
CA ASN B 82 15.61 3.07 -29.77
C ASN B 82 14.90 2.94 -28.42
N TYR B 83 15.08 3.92 -27.51
CA TYR B 83 14.51 3.92 -26.18
C TYR B 83 13.00 3.57 -26.20
N LEU B 84 12.62 2.58 -25.39
CA LEU B 84 11.29 2.04 -25.32
C LEU B 84 10.84 1.99 -23.88
N ILE B 85 9.71 2.54 -23.57
CA ILE B 85 9.16 2.45 -22.26
C ILE B 85 7.90 1.59 -22.33
N ILE B 86 7.87 0.54 -21.53
CA ILE B 86 6.76 -0.37 -21.49
C ILE B 86 6.12 -0.32 -20.12
N GLU B 87 4.96 0.28 -20.07
CA GLU B 87 4.13 0.26 -18.87
C GLU B 87 3.13 -0.90 -18.87
N ILE B 88 3.14 -1.71 -17.80
CA ILE B 88 2.29 -2.90 -17.65
C ILE B 88 1.42 -2.73 -16.43
N ILE B 89 0.09 -2.63 -16.68
CA ILE B 89 -0.89 -2.51 -15.67
C ILE B 89 -1.53 -3.90 -15.47
N MSE B 90 -1.51 -4.38 -14.24
CA MSE B 90 -1.96 -5.74 -13.94
C MSE B 90 -2.55 -5.86 -12.55
O MSE B 90 -2.30 -5.01 -11.68
CB MSE B 90 -0.70 -6.63 -14.04
CG MSE B 90 0.33 -6.36 -12.92
SE MSE B 90 2.03 -7.27 -13.39
CE MSE B 90 1.55 -9.04 -12.75
N PHE B 91 -3.17 -6.99 -12.26
CA PHE B 91 -3.74 -7.24 -10.94
C PHE B 91 -2.62 -7.41 -9.93
N GLU B 92 -2.77 -6.89 -8.71
CA GLU B 92 -1.93 -7.42 -7.59
C GLU B 92 -2.02 -8.89 -7.47
N GLY B 93 -0.99 -9.49 -6.86
CA GLY B 93 -1.08 -10.85 -6.46
C GLY B 93 0.05 -11.78 -6.85
N ARG B 94 0.85 -11.41 -7.82
CA ARG B 94 1.92 -12.22 -8.27
C ARG B 94 3.11 -12.02 -7.33
N SER B 95 4.00 -13.01 -7.27
CA SER B 95 5.17 -12.88 -6.48
C SER B 95 6.18 -11.92 -7.10
N VAL B 96 7.07 -11.44 -6.26
CA VAL B 96 8.21 -10.71 -6.72
C VAL B 96 9.03 -11.50 -7.70
N GLU B 97 9.29 -12.78 -7.42
CA GLU B 97 10.08 -13.60 -8.35
C GLU B 97 9.41 -13.70 -9.73
N THR B 98 8.09 -13.84 -9.77
CA THR B 98 7.41 -13.99 -11.05
C THR B 98 7.51 -12.64 -11.79
N LYS B 99 7.35 -11.55 -11.04
CA LYS B 99 7.47 -10.23 -11.65
C LYS B 99 8.90 -9.96 -12.22
N LYS B 100 9.95 -10.29 -11.47
CA LYS B 100 11.29 -10.15 -11.97
C LYS B 100 11.50 -11.07 -13.13
N GLN B 101 10.91 -12.26 -13.09
CA GLN B 101 11.04 -13.13 -14.23
C GLN B 101 10.35 -12.50 -15.51
N LEU B 102 9.25 -11.80 -15.32
CA LEU B 102 8.64 -11.16 -16.42
C LEU B 102 9.54 -10.06 -16.97
N LEU B 103 10.13 -9.27 -16.07
CA LEU B 103 11.00 -8.21 -16.52
C LEU B 103 12.16 -8.78 -17.36
N ARG B 104 12.78 -9.85 -16.88
CA ARG B 104 13.97 -10.38 -17.56
C ARG B 104 13.62 -11.01 -18.90
N ASP B 105 12.47 -11.67 -18.97
CA ASP B 105 12.06 -12.27 -20.24
C ASP B 105 11.77 -11.18 -21.33
N ILE B 106 11.03 -10.16 -20.96
CA ILE B 106 10.79 -9.01 -21.85
C ILE B 106 12.09 -8.43 -22.32
N PHE B 107 13.01 -8.10 -21.41
CA PHE B 107 14.33 -7.59 -21.83
C PHE B 107 14.99 -8.45 -22.94
N LYS B 108 15.08 -9.71 -22.63
CA LYS B 108 15.76 -10.66 -23.43
C LYS B 108 15.06 -10.83 -24.78
N LYS B 109 13.74 -10.93 -24.79
CA LYS B 109 13.02 -11.24 -26.05
C LYS B 109 12.98 -10.04 -26.97
N VAL B 110 12.79 -8.88 -26.42
CA VAL B 110 12.85 -7.68 -27.26
C VAL B 110 14.25 -7.51 -27.83
N ASP B 111 15.32 -7.67 -27.03
CA ASP B 111 16.71 -7.61 -27.58
C ASP B 111 16.93 -8.64 -28.77
N GLU B 112 16.64 -9.90 -28.49
CA GLU B 112 16.78 -10.98 -29.45
C GLU B 112 16.01 -10.76 -30.71
N LYS B 113 14.77 -10.32 -30.61
CA LYS B 113 14.05 -10.09 -31.85
C LYS B 113 14.46 -8.82 -32.63
N PHE B 114 14.66 -7.70 -31.95
CA PHE B 114 14.82 -6.46 -32.66
C PHE B 114 16.20 -5.83 -32.63
N GLY B 115 17.13 -6.43 -31.90
CA GLY B 115 18.47 -5.78 -31.70
C GLY B 115 18.46 -4.50 -30.91
N ILE B 116 17.49 -4.34 -30.01
CA ILE B 116 17.48 -3.18 -29.17
C ILE B 116 18.21 -3.60 -27.91
N SER B 117 19.17 -2.79 -27.47
CA SER B 117 19.95 -3.05 -26.26
C SER B 117 18.98 -3.15 -25.06
N VAL B 118 19.18 -4.08 -24.17
CA VAL B 118 18.47 -4.00 -22.89
C VAL B 118 18.62 -2.70 -22.17
N TYR B 119 19.68 -1.97 -22.47
CA TYR B 119 19.87 -0.68 -21.82
C TYR B 119 18.89 0.33 -22.39
N ASP B 120 18.34 0.02 -23.55
CA ASP B 120 17.41 0.97 -24.18
C ASP B 120 15.93 0.66 -23.81
N ILE B 121 15.74 -0.32 -22.95
CA ILE B 121 14.39 -0.75 -22.61
C ILE B 121 14.11 -0.45 -21.13
N GLU B 122 12.93 0.05 -20.86
CA GLU B 122 12.51 0.31 -19.50
C GLU B 122 11.14 -0.23 -19.31
N ILE B 123 10.88 -0.79 -18.12
CA ILE B 123 9.62 -1.42 -17.90
C ILE B 123 9.13 -1.04 -16.56
N THR B 124 7.86 -0.70 -16.45
CA THR B 124 7.28 -0.40 -15.15
C THR B 124 6.01 -1.12 -14.97
N LEU B 125 5.90 -1.82 -13.85
CA LEU B 125 4.74 -2.57 -13.46
C LEU B 125 3.84 -1.75 -12.52
N PHE B 126 2.57 -1.61 -12.88
CA PHE B 126 1.58 -0.94 -12.06
C PHE B 126 0.60 -1.98 -11.57
N GLU B 127 0.56 -2.24 -10.26
CA GLU B 127 -0.32 -3.27 -9.68
C GLU B 127 -1.59 -2.67 -9.12
N ILE B 128 -2.71 -3.26 -9.45
CA ILE B 128 -4.08 -2.66 -9.14
C ILE B 128 -4.84 -3.71 -8.35
N PRO B 129 -5.43 -3.34 -7.22
CA PRO B 129 -6.25 -4.34 -6.52
C PRO B 129 -7.41 -4.74 -7.43
N LYS B 130 -7.87 -5.97 -7.30
CA LYS B 130 -8.85 -6.49 -8.27
C LYS B 130 -10.18 -5.76 -8.19
N GLN B 131 -10.52 -5.28 -7.02
CA GLN B 131 -11.76 -4.56 -6.79
C GLN B 131 -11.74 -3.15 -7.31
N ASN B 132 -10.58 -2.69 -7.79
CA ASN B 132 -10.47 -1.38 -8.44
C ASN B 132 -10.56 -1.42 -9.98
N TRP B 133 -10.85 -2.59 -10.52
CA TRP B 133 -10.91 -2.81 -11.95
C TRP B 133 -12.30 -3.37 -12.32
N GLY B 134 -13.00 -2.66 -13.20
CA GLY B 134 -14.29 -3.17 -13.79
C GLY B 134 -14.01 -3.82 -15.13
N ILE B 135 -14.36 -5.09 -15.24
CA ILE B 135 -14.22 -5.85 -16.44
C ILE B 135 -15.54 -6.55 -16.83
N ARG B 136 -15.95 -6.45 -18.08
CA ARG B 136 -17.15 -7.16 -18.57
C ARG B 136 -18.31 -7.00 -17.62
N GLY B 137 -18.56 -5.75 -17.23
CA GLY B 137 -19.68 -5.34 -16.38
C GLY B 137 -19.55 -5.61 -14.86
N ILE B 138 -18.49 -6.24 -14.41
CA ILE B 138 -18.35 -6.52 -13.01
C ILE B 138 -16.96 -6.08 -12.44
N PRO B 139 -16.92 -5.84 -11.12
CA PRO B 139 -15.65 -5.66 -10.39
C PRO B 139 -14.77 -6.90 -10.47
N GLY B 140 -13.48 -6.67 -10.67
CA GLY B 140 -12.57 -7.78 -10.90
C GLY B 140 -12.46 -8.82 -9.79
N ASP B 141 -12.79 -8.46 -8.54
CA ASP B 141 -12.76 -9.43 -7.44
C ASP B 141 -13.99 -10.33 -7.44
N GLU B 142 -15.00 -9.96 -8.20
CA GLU B 142 -16.10 -10.85 -8.48
C GLU B 142 -15.70 -11.51 -9.83
N SER C 22 -12.67 17.82 -3.74
CA SER C 22 -11.99 16.55 -4.08
C SER C 22 -11.98 16.22 -5.63
N MSE C 23 -10.96 15.44 -6.01
CA MSE C 23 -10.37 15.43 -7.36
C MSE C 23 -10.40 14.11 -8.08
O MSE C 23 -9.94 13.09 -7.57
CB MSE C 23 -8.89 15.77 -7.22
CG MSE C 23 -8.66 17.26 -6.98
SE MSE C 23 -9.07 18.44 -8.54
CE MSE C 23 -8.39 17.29 -10.00
N VAL C 24 -10.91 14.17 -9.30
CA VAL C 24 -10.96 13.02 -10.20
C VAL C 24 -10.49 13.42 -11.60
N GLN C 25 -9.58 12.64 -12.16
CA GLN C 25 -9.13 12.78 -13.54
C GLN C 25 -9.58 11.55 -14.31
N ILE C 26 -10.10 11.73 -15.50
CA ILE C 26 -10.47 10.60 -16.35
C ILE C 26 -9.68 10.63 -17.64
N LYS C 27 -9.15 9.47 -18.01
CA LYS C 27 -8.52 9.30 -19.30
C LYS C 27 -9.24 8.20 -20.02
N VAL C 28 -9.63 8.47 -21.26
CA VAL C 28 -10.46 7.51 -22.03
C VAL C 28 -9.76 7.18 -23.32
N TYR C 29 -9.56 5.90 -23.57
CA TYR C 29 -8.90 5.40 -24.73
C TYR C 29 -9.89 4.58 -25.56
N GLY C 30 -9.90 4.81 -26.88
CA GLY C 30 -10.67 3.96 -27.80
C GLY C 30 -10.22 4.17 -29.23
N LEU C 31 -10.70 3.31 -30.14
CA LEU C 31 -10.47 3.48 -31.58
C LEU C 31 -10.94 4.81 -32.04
N ALA C 32 -10.09 5.64 -32.62
CA ALA C 32 -10.52 6.99 -33.09
C ALA C 32 -11.88 7.02 -33.89
N GLU C 33 -12.08 6.11 -34.85
CA GLU C 33 -13.34 6.12 -35.69
C GLU C 33 -14.56 6.05 -34.76
N LYS C 34 -14.47 5.19 -33.76
CA LYS C 34 -15.59 4.98 -32.83
C LYS C 34 -15.63 6.00 -31.69
N LEU C 35 -14.50 6.41 -31.14
CA LEU C 35 -14.52 7.34 -30.00
C LEU C 35 -14.89 8.75 -30.40
N ASN C 36 -14.39 9.21 -31.55
CA ASN C 36 -14.57 10.63 -31.90
C ASN C 36 -15.99 11.12 -32.00
N PRO C 37 -16.84 10.30 -32.63
CA PRO C 37 -18.23 10.71 -32.73
C PRO C 37 -18.96 10.66 -31.38
N ILE C 38 -18.53 9.84 -30.41
CA ILE C 38 -19.27 9.80 -29.14
C ILE C 38 -18.65 10.64 -27.98
N LYS C 39 -17.42 11.15 -28.16
CA LYS C 39 -16.61 11.66 -27.01
C LYS C 39 -17.33 12.72 -26.23
N ALA C 40 -17.95 13.65 -26.93
CA ALA C 40 -18.48 14.84 -26.24
C ALA C 40 -19.61 14.39 -25.33
N GLU C 41 -20.46 13.49 -25.80
CA GLU C 41 -21.57 13.04 -25.00
C GLU C 41 -21.07 12.06 -23.93
N LEU C 42 -20.08 11.24 -24.28
CA LEU C 42 -19.53 10.34 -23.27
C LEU C 42 -18.94 11.16 -22.09
N SER C 43 -18.24 12.25 -22.38
CA SER C 43 -17.75 13.14 -21.30
C SER C 43 -18.92 13.53 -20.33
N ASN C 44 -20.04 13.96 -20.91
CA ASN C 44 -21.24 14.31 -20.12
C ASN C 44 -21.76 13.16 -19.30
N ILE C 45 -21.86 12.00 -19.89
CA ILE C 45 -22.33 10.82 -19.21
C ILE C 45 -21.37 10.45 -18.04
N LEU C 46 -20.06 10.49 -18.28
CA LEU C 46 -19.10 10.12 -17.23
C LEU C 46 -19.10 11.11 -16.12
N HIS C 47 -19.15 12.41 -16.42
CA HIS C 47 -19.14 13.43 -15.40
C HIS C 47 -20.39 13.32 -14.48
N THR C 48 -21.56 13.12 -15.13
CA THR C 48 -22.82 12.81 -14.41
C THR C 48 -22.68 11.63 -13.46
N SER C 49 -22.10 10.57 -13.92
CA SER C 49 -21.86 9.42 -13.05
C SER C 49 -20.95 9.75 -11.82
N LEU C 50 -19.90 10.55 -12.04
CA LEU C 50 -19.03 10.96 -10.95
C LEU C 50 -19.74 11.91 -9.97
N ILE C 51 -20.55 12.82 -10.51
CA ILE C 51 -21.35 13.67 -9.65
C ILE C 51 -22.29 12.80 -8.80
N GLU C 52 -22.99 11.86 -9.43
CA GLU C 52 -24.00 11.12 -8.72
C GLU C 52 -23.44 10.14 -7.74
N VAL C 53 -22.40 9.42 -8.10
CA VAL C 53 -21.87 8.43 -7.18
C VAL C 53 -20.83 9.02 -6.20
N LEU C 54 -19.88 9.81 -6.67
CA LEU C 54 -18.84 10.31 -5.79
C LEU C 54 -19.14 11.63 -5.20
N GLN C 55 -20.19 12.34 -5.65
CA GLN C 55 -20.51 13.71 -5.16
C GLN C 55 -19.41 14.68 -5.42
N ILE C 56 -18.73 14.60 -6.56
CA ILE C 56 -17.80 15.69 -6.89
C ILE C 56 -18.56 16.97 -7.26
N SER C 57 -17.88 18.12 -7.24
CA SER C 57 -18.53 19.36 -7.62
C SER C 57 -18.82 19.31 -9.12
N PRO C 58 -20.02 19.80 -9.52
CA PRO C 58 -20.34 19.84 -10.97
C PRO C 58 -19.40 20.64 -11.84
N GLU C 59 -18.54 21.44 -11.25
CA GLU C 59 -17.61 22.32 -11.96
C GLU C 59 -16.37 21.59 -12.31
N LYS C 60 -16.11 20.52 -11.60
CA LYS C 60 -14.80 19.92 -11.61
C LYS C 60 -14.74 18.77 -12.58
N ARG C 61 -14.84 19.06 -13.87
CA ARG C 61 -14.74 18.01 -14.91
C ARG C 61 -13.33 18.10 -15.44
N PHE C 62 -12.64 16.94 -15.38
CA PHE C 62 -11.25 16.83 -15.90
C PHE C 62 -11.10 15.53 -16.69
N HIS C 63 -11.23 15.62 -18.01
CA HIS C 63 -11.29 14.48 -18.90
C HIS C 63 -10.30 14.71 -19.97
N ARG C 64 -9.59 13.65 -20.34
CA ARG C 64 -8.69 13.59 -21.49
C ARG C 64 -9.07 12.38 -22.34
N PHE C 65 -9.18 12.59 -23.65
CA PHE C 65 -9.48 11.51 -24.57
C PHE C 65 -8.27 11.26 -25.42
N PHE C 66 -8.09 9.99 -25.72
CA PHE C 66 -7.01 9.45 -26.58
C PHE C 66 -7.61 8.57 -27.69
N PRO C 67 -8.06 9.23 -28.76
CA PRO C 67 -8.47 8.50 -29.93
C PRO C 67 -7.25 7.88 -30.59
N LEU C 68 -7.27 6.56 -30.70
CA LEU C 68 -6.13 5.81 -31.12
C LEU C 68 -6.30 5.35 -32.54
N ASP C 69 -5.18 5.32 -33.26
CA ASP C 69 -5.16 4.69 -34.58
C ASP C 69 -5.33 3.19 -34.43
N LYS C 70 -5.94 2.59 -35.43
CA LYS C 70 -6.12 1.16 -35.51
C LYS C 70 -4.85 0.36 -35.35
N LEU C 71 -3.73 0.79 -35.95
CA LEU C 71 -2.42 0.08 -35.75
C LEU C 71 -1.79 0.28 -34.30
N ASP C 72 -2.39 1.16 -33.50
CA ASP C 72 -1.84 1.47 -32.12
C ASP C 72 -2.71 0.83 -30.99
N PHE C 73 -3.68 -0.02 -31.36
CA PHE C 73 -4.71 -0.50 -30.42
C PHE C 73 -4.99 -1.95 -30.66
N TYR C 74 -4.52 -2.82 -29.75
CA TYR C 74 -4.76 -4.21 -29.83
C TYR C 74 -5.64 -4.65 -28.71
N TYR C 75 -6.67 -5.43 -29.06
CA TYR C 75 -7.62 -5.97 -28.06
C TYR C 75 -8.08 -7.37 -28.49
N PRO C 76 -8.59 -8.18 -27.57
CA PRO C 76 -8.87 -9.55 -27.98
C PRO C 76 -10.11 -9.61 -28.88
N SER C 77 -10.28 -10.78 -29.47
CA SER C 77 -11.29 -10.94 -30.52
C SER C 77 -12.70 -11.08 -29.89
N ASP C 78 -12.80 -11.10 -28.56
CA ASP C 78 -14.12 -11.01 -27.95
C ASP C 78 -14.41 -9.61 -27.41
N ARG C 79 -13.68 -8.62 -27.90
CA ARG C 79 -14.07 -7.21 -27.75
C ARG C 79 -14.34 -6.70 -29.15
N THR C 80 -15.20 -5.73 -29.29
CA THR C 80 -15.44 -5.14 -30.62
C THR C 80 -14.59 -3.85 -30.74
N ASP C 81 -14.64 -3.21 -31.87
CA ASP C 81 -14.06 -1.90 -32.07
C ASP C 81 -14.71 -0.77 -31.30
N ASN C 82 -15.77 -1.05 -30.56
CA ASN C 82 -16.31 -0.06 -29.63
C ASN C 82 -15.53 -0.06 -28.24
N TYR C 83 -14.56 -0.95 -28.05
CA TYR C 83 -13.85 -1.21 -26.79
C TYR C 83 -13.35 0.13 -26.23
N LEU C 84 -13.73 0.41 -24.97
CA LEU C 84 -13.40 1.65 -24.28
C LEU C 84 -12.64 1.29 -23.02
N ILE C 85 -11.52 1.96 -22.79
CA ILE C 85 -10.70 1.84 -21.54
C ILE C 85 -10.82 3.20 -20.86
N ILE C 86 -11.41 3.17 -19.65
CA ILE C 86 -11.63 4.34 -18.84
C ILE C 86 -10.73 4.25 -17.60
N GLU C 87 -9.72 5.12 -17.56
CA GLU C 87 -8.79 5.15 -16.44
C GLU C 87 -9.20 6.33 -15.55
N ILE C 88 -9.46 6.05 -14.30
CA ILE C 88 -9.90 7.07 -13.39
C ILE C 88 -8.84 7.23 -12.27
N ILE C 89 -8.31 8.43 -12.10
CA ILE C 89 -7.34 8.74 -11.11
C ILE C 89 -8.03 9.59 -10.03
N MSE C 90 -7.96 9.15 -8.77
CA MSE C 90 -8.73 9.78 -7.72
C MSE C 90 -8.01 9.70 -6.37
O MSE C 90 -7.15 8.88 -6.16
CB MSE C 90 -10.14 9.16 -7.55
CG MSE C 90 -10.04 7.66 -7.18
SE MSE C 90 -11.73 6.58 -7.41
CE MSE C 90 -11.75 6.98 -9.31
N PHE C 91 -8.48 10.51 -5.41
CA PHE C 91 -8.04 10.44 -4.03
C PHE C 91 -8.38 9.08 -3.46
N GLU C 92 -7.43 8.54 -2.74
CA GLU C 92 -7.67 7.42 -1.85
C GLU C 92 -8.72 7.82 -0.84
N GLY C 93 -9.36 6.84 -0.21
CA GLY C 93 -10.22 7.15 0.93
C GLY C 93 -11.68 6.84 0.73
N ARG C 94 -12.12 6.46 -0.47
CA ARG C 94 -13.50 6.02 -0.58
C ARG C 94 -13.63 4.53 -0.22
N SER C 95 -14.81 4.08 0.20
CA SER C 95 -15.04 2.67 0.50
C SER C 95 -15.04 1.83 -0.77
N VAL C 96 -14.78 0.54 -0.60
CA VAL C 96 -14.90 -0.42 -1.64
C VAL C 96 -16.34 -0.40 -2.22
N GLU C 97 -17.33 -0.25 -1.33
CA GLU C 97 -18.75 -0.25 -1.74
C GLU C 97 -18.99 0.95 -2.65
N THR C 98 -18.44 2.12 -2.34
CA THR C 98 -18.69 3.26 -3.20
C THR C 98 -17.99 3.10 -4.59
N LYS C 99 -16.76 2.63 -4.58
CA LYS C 99 -16.01 2.40 -5.83
C LYS C 99 -16.71 1.38 -6.75
N LYS C 100 -17.18 0.27 -6.17
CA LYS C 100 -18.01 -0.65 -6.89
C LYS C 100 -19.30 -0.04 -7.44
N GLN C 101 -19.97 0.81 -6.67
CA GLN C 101 -21.13 1.48 -7.23
C GLN C 101 -20.74 2.33 -8.46
N LEU C 102 -19.56 2.98 -8.39
CA LEU C 102 -19.10 3.86 -9.44
C LEU C 102 -18.93 3.03 -10.67
N LEU C 103 -18.28 1.87 -10.53
CA LEU C 103 -18.08 0.98 -11.67
C LEU C 103 -19.39 0.55 -12.34
N ARG C 104 -20.35 0.11 -11.53
CA ARG C 104 -21.69 -0.34 -11.99
C ARG C 104 -22.49 0.75 -12.67
N ASP C 105 -22.47 1.95 -12.15
CA ASP C 105 -23.11 3.09 -12.74
C ASP C 105 -22.52 3.47 -14.08
N ILE C 106 -21.20 3.51 -14.17
CA ILE C 106 -20.59 3.79 -15.47
C ILE C 106 -20.98 2.72 -16.47
N PHE C 107 -20.89 1.45 -16.10
CA PHE C 107 -21.20 0.37 -17.06
C PHE C 107 -22.63 0.59 -17.63
N LYS C 108 -23.54 0.92 -16.72
CA LYS C 108 -24.96 0.99 -17.03
C LYS C 108 -25.21 2.20 -17.89
N LYS C 109 -24.74 3.36 -17.49
CA LYS C 109 -25.03 4.52 -18.25
C LYS C 109 -24.43 4.47 -19.64
N VAL C 110 -23.25 3.93 -19.76
CA VAL C 110 -22.61 3.94 -21.07
C VAL C 110 -23.31 2.91 -21.99
N ASP C 111 -23.73 1.76 -21.46
CA ASP C 111 -24.44 0.78 -22.26
C ASP C 111 -25.77 1.39 -22.66
N GLU C 112 -26.43 2.07 -21.73
CA GLU C 112 -27.73 2.68 -22.00
C GLU C 112 -27.70 3.80 -23.00
N LYS C 113 -26.78 4.72 -22.81
CA LYS C 113 -26.65 5.82 -23.71
C LYS C 113 -26.17 5.43 -25.13
N PHE C 114 -25.22 4.50 -25.29
CA PHE C 114 -24.58 4.37 -26.60
C PHE C 114 -24.73 3.05 -27.28
N GLY C 115 -25.37 2.08 -26.64
CA GLY C 115 -25.47 0.76 -27.20
C GLY C 115 -24.12 0.13 -27.35
N ILE C 116 -23.26 0.35 -26.39
CA ILE C 116 -22.02 -0.37 -26.33
C ILE C 116 -22.20 -1.45 -25.26
N SER C 117 -21.81 -2.67 -25.54
CA SER C 117 -21.97 -3.72 -24.54
C SER C 117 -21.05 -3.50 -23.32
N VAL C 118 -21.56 -3.74 -22.13
CA VAL C 118 -20.69 -3.72 -20.98
C VAL C 118 -19.44 -4.60 -21.12
N TYR C 119 -19.49 -5.62 -21.98
CA TYR C 119 -18.31 -6.43 -22.24
C TYR C 119 -17.17 -5.66 -22.94
N ASP C 120 -17.53 -4.53 -23.57
CA ASP C 120 -16.61 -3.65 -24.30
C ASP C 120 -16.14 -2.45 -23.43
N ILE C 121 -16.58 -2.39 -22.18
CA ILE C 121 -16.20 -1.27 -21.31
C ILE C 121 -15.26 -1.84 -20.25
N GLU C 122 -14.15 -1.15 -20.02
CA GLU C 122 -13.14 -1.49 -18.99
C GLU C 122 -12.83 -0.24 -18.21
N ILE C 123 -12.83 -0.37 -16.88
CA ILE C 123 -12.64 0.78 -16.01
C ILE C 123 -11.55 0.39 -15.01
N THR C 124 -10.55 1.27 -14.84
CA THR C 124 -9.53 1.05 -13.88
C THR C 124 -9.38 2.26 -12.97
N LEU C 125 -9.49 2.03 -11.66
CA LEU C 125 -9.39 3.12 -10.69
C LEU C 125 -7.96 3.13 -10.16
N PHE C 126 -7.33 4.29 -10.22
CA PHE C 126 -5.97 4.54 -9.69
C PHE C 126 -6.13 5.50 -8.52
N GLU C 127 -5.94 5.01 -7.31
CA GLU C 127 -6.07 5.78 -6.08
C GLU C 127 -4.71 6.29 -5.66
N ILE C 128 -4.68 7.55 -5.22
CA ILE C 128 -3.46 8.32 -4.92
C ILE C 128 -3.67 8.99 -3.56
N PRO C 129 -2.68 8.93 -2.64
CA PRO C 129 -2.73 9.72 -1.39
C PRO C 129 -2.88 11.20 -1.68
N LYS C 130 -3.65 11.91 -0.87
CA LYS C 130 -3.99 13.30 -1.14
C LYS C 130 -2.77 14.19 -1.14
N GLN C 131 -1.83 13.82 -0.29
CA GLN C 131 -0.54 14.46 -0.24
C GLN C 131 0.39 14.25 -1.50
N ASN C 132 0.06 13.29 -2.35
CA ASN C 132 0.70 13.12 -3.64
C ASN C 132 0.07 13.90 -4.77
N TRP C 133 -0.84 14.79 -4.48
CA TRP C 133 -1.46 15.57 -5.50
C TRP C 133 -1.26 17.06 -5.20
N GLY C 134 -0.83 17.83 -6.18
CA GLY C 134 -0.84 19.31 -6.11
C GLY C 134 -1.94 19.98 -6.92
N ILE C 135 -2.69 20.82 -6.26
CA ILE C 135 -3.88 21.48 -6.76
C ILE C 135 -3.85 22.96 -6.28
N ARG C 136 -4.00 23.91 -7.17
CA ARG C 136 -4.08 25.37 -6.79
C ARG C 136 -2.92 25.70 -5.89
N GLY C 137 -1.74 25.24 -6.26
CA GLY C 137 -0.54 25.64 -5.53
C GLY C 137 -0.13 24.89 -4.30
N ILE C 138 -1.00 24.01 -3.79
CA ILE C 138 -0.71 23.33 -2.52
C ILE C 138 -1.00 21.81 -2.60
N PRO C 139 -0.38 20.99 -1.72
CA PRO C 139 -0.68 19.55 -1.57
C PRO C 139 -2.11 19.32 -1.24
N GLY C 140 -2.64 18.19 -1.70
CA GLY C 140 -4.09 17.94 -1.61
C GLY C 140 -4.55 17.68 -0.18
N ASP C 141 -3.64 17.36 0.72
CA ASP C 141 -4.03 17.09 2.12
C ASP C 141 -4.15 18.39 2.95
N GLU C 142 -3.88 19.55 2.34
CA GLU C 142 -3.84 20.87 2.98
C GLU C 142 -4.98 21.88 2.58
N SER D 22 -17.87 -9.44 8.76
CA SER D 22 -16.48 -8.93 8.74
C SER D 22 -15.83 -8.84 10.15
N MSE D 23 -14.50 -8.96 10.07
CA MSE D 23 -13.68 -9.35 11.16
C MSE D 23 -13.03 -8.15 11.73
O MSE D 23 -12.38 -7.42 11.04
CB MSE D 23 -12.58 -10.21 10.56
CG MSE D 23 -13.12 -11.62 10.43
SE MSE D 23 -13.62 -12.43 12.16
CE MSE D 23 -12.29 -11.59 13.37
N VAL D 24 -13.20 -7.97 13.01
CA VAL D 24 -12.49 -6.92 13.73
C VAL D 24 -12.00 -7.53 14.99
N GLN D 25 -10.69 -7.40 15.19
CA GLN D 25 -9.97 -7.86 16.37
C GLN D 25 -9.48 -6.65 17.14
N ILE D 26 -9.75 -6.60 18.44
CA ILE D 26 -9.29 -5.54 19.28
C ILE D 26 -8.30 -6.06 20.34
N LYS D 27 -7.20 -5.33 20.48
CA LYS D 27 -6.18 -5.55 21.50
C LYS D 27 -6.07 -4.26 22.29
N VAL D 28 -6.28 -4.39 23.59
CA VAL D 28 -6.30 -3.25 24.49
C VAL D 28 -5.21 -3.42 25.55
N TYR D 29 -4.43 -2.34 25.69
CA TYR D 29 -3.33 -2.28 26.66
C TYR D 29 -3.50 -1.20 27.68
N GLY D 30 -3.11 -1.47 28.92
CA GLY D 30 -3.19 -0.46 29.95
C GLY D 30 -2.49 -0.97 31.18
N LEU D 31 -2.30 -0.05 32.11
CA LEU D 31 -1.78 -0.42 33.42
C LEU D 31 -2.70 -1.39 34.15
N ALA D 32 -2.15 -2.45 34.70
CA ALA D 32 -3.02 -3.53 35.27
C ALA D 32 -4.05 -3.00 36.30
N GLU D 33 -3.58 -2.15 37.22
CA GLU D 33 -4.39 -1.55 38.32
C GLU D 33 -5.55 -0.78 37.85
N LYS D 34 -5.41 -0.14 36.72
CA LYS D 34 -6.50 0.63 36.15
C LYS D 34 -7.32 -0.16 35.09
N LEU D 35 -6.68 -1.03 34.38
CA LEU D 35 -7.38 -1.75 33.29
C LEU D 35 -8.25 -2.92 33.85
N ASN D 36 -7.69 -3.73 34.75
CA ASN D 36 -8.37 -4.91 35.29
C ASN D 36 -9.79 -4.65 35.81
N PRO D 37 -10.02 -3.55 36.52
CA PRO D 37 -11.40 -3.37 37.03
C PRO D 37 -12.39 -2.90 35.98
N ILE D 38 -11.93 -2.37 34.85
CA ILE D 38 -12.85 -1.87 33.88
C ILE D 38 -12.94 -2.69 32.66
N LYS D 39 -12.05 -3.61 32.48
CA LYS D 39 -11.94 -4.25 31.12
C LYS D 39 -13.26 -4.91 30.64
N ALA D 40 -14.01 -5.57 31.52
CA ALA D 40 -15.23 -6.28 31.07
C ALA D 40 -16.23 -5.26 30.53
N GLU D 41 -16.38 -4.18 31.25
CA GLU D 41 -17.28 -3.17 30.80
C GLU D 41 -16.76 -2.46 29.60
N LEU D 42 -15.45 -2.16 29.60
CA LEU D 42 -14.83 -1.54 28.42
C LEU D 42 -15.06 -2.41 27.16
N SER D 43 -15.00 -3.72 27.30
CA SER D 43 -15.25 -4.64 26.18
C SER D 43 -16.64 -4.39 25.58
N ASN D 44 -17.61 -4.20 26.48
CA ASN D 44 -19.00 -3.92 26.08
C ASN D 44 -19.16 -2.67 25.33
N ILE D 45 -18.56 -1.63 25.84
CA ILE D 45 -18.60 -0.32 25.24
C ILE D 45 -17.92 -0.30 23.88
N LEU D 46 -16.72 -0.90 23.77
CA LEU D 46 -16.05 -0.95 22.48
C LEU D 46 -16.79 -1.73 21.42
N HIS D 47 -17.38 -2.84 21.84
CA HIS D 47 -18.22 -3.63 20.91
C HIS D 47 -19.47 -2.89 20.44
N THR D 48 -20.12 -2.20 21.33
CA THR D 48 -21.22 -1.33 20.97
C THR D 48 -20.80 -0.30 19.94
N SER D 49 -19.67 0.31 20.17
CA SER D 49 -19.19 1.25 19.19
C SER D 49 -18.91 0.63 17.80
N LEU D 50 -18.34 -0.57 17.75
CA LEU D 50 -18.13 -1.23 16.45
C LEU D 50 -19.47 -1.63 15.79
N ILE D 51 -20.45 -2.04 16.62
CA ILE D 51 -21.74 -2.41 16.09
C ILE D 51 -22.37 -1.17 15.45
N GLU D 52 -22.34 -0.03 16.14
CA GLU D 52 -22.94 1.18 15.66
C GLU D 52 -22.27 1.81 14.48
N VAL D 53 -20.96 1.84 14.45
CA VAL D 53 -20.30 2.59 13.38
C VAL D 53 -19.99 1.66 12.26
N LEU D 54 -19.52 0.44 12.54
CA LEU D 54 -19.11 -0.44 11.42
C LEU D 54 -20.18 -1.40 11.02
N GLN D 55 -21.27 -1.52 11.78
CA GLN D 55 -22.35 -2.51 11.55
C GLN D 55 -21.87 -3.94 11.43
N ILE D 56 -20.95 -4.32 12.34
CA ILE D 56 -20.53 -5.70 12.42
C ILE D 56 -21.63 -6.45 13.15
N SER D 57 -21.62 -7.76 13.00
CA SER D 57 -22.55 -8.60 13.69
C SER D 57 -22.33 -8.49 15.22
N PRO D 58 -23.40 -8.29 15.99
CA PRO D 58 -23.31 -8.27 17.44
C PRO D 58 -22.80 -9.54 18.05
N GLU D 59 -22.78 -10.64 17.28
CA GLU D 59 -22.13 -11.87 17.72
C GLU D 59 -20.57 -11.81 17.73
N LYS D 60 -20.01 -11.02 16.80
CA LYS D 60 -18.62 -11.09 16.39
C LYS D 60 -17.76 -10.17 17.22
N ARG D 61 -17.75 -10.43 18.53
CA ARG D 61 -16.83 -9.79 19.48
C ARG D 61 -15.52 -10.56 19.64
N PHE D 62 -14.40 -9.95 19.24
CA PHE D 62 -13.08 -10.55 19.40
C PHE D 62 -12.16 -9.57 20.09
N HIS D 63 -11.97 -9.72 21.41
CA HIS D 63 -11.16 -8.77 22.17
C HIS D 63 -10.08 -9.47 22.95
N ARG D 64 -8.90 -8.85 23.06
CA ARG D 64 -7.86 -9.34 23.95
C ARG D 64 -7.31 -8.17 24.78
N PHE D 65 -7.11 -8.43 26.06
CA PHE D 65 -6.66 -7.40 26.96
C PHE D 65 -5.24 -7.72 27.47
N PHE D 66 -4.41 -6.68 27.62
CA PHE D 66 -3.03 -6.84 28.06
C PHE D 66 -2.79 -5.91 29.24
N PRO D 67 -3.19 -6.33 30.44
CA PRO D 67 -2.92 -5.48 31.61
C PRO D 67 -1.40 -5.52 31.91
N LEU D 68 -0.78 -4.38 32.05
CA LEU D 68 0.68 -4.33 32.11
C LEU D 68 1.17 -3.98 33.50
N ASP D 69 2.25 -4.61 33.91
CA ASP D 69 2.99 -4.16 35.12
C ASP D 69 3.46 -2.73 34.94
N LYS D 70 3.49 -2.03 36.05
CA LYS D 70 3.95 -0.63 36.07
C LYS D 70 5.28 -0.41 35.42
N LEU D 71 6.17 -1.35 35.62
CA LEU D 71 7.52 -1.24 35.07
C LEU D 71 7.61 -1.60 33.59
N ASP D 72 6.51 -2.07 32.99
CA ASP D 72 6.55 -2.52 31.59
C ASP D 72 5.85 -1.48 30.69
N PHE D 73 5.47 -0.32 31.23
CA PHE D 73 4.63 0.63 30.51
C PHE D 73 5.06 2.09 30.72
N TYR D 74 5.67 2.71 29.69
CA TYR D 74 6.18 4.07 29.76
C TYR D 74 5.34 4.90 28.87
N TYR D 75 4.85 5.99 29.41
CA TYR D 75 4.03 6.92 28.64
C TYR D 75 4.45 8.29 29.13
N PRO D 76 4.10 9.37 28.43
CA PRO D 76 4.49 10.72 28.83
C PRO D 76 3.79 11.31 30.04
N SER D 77 4.48 12.24 30.71
CA SER D 77 3.94 12.99 31.89
C SER D 77 2.58 13.61 31.71
N ASP D 78 2.15 13.89 30.50
CA ASP D 78 0.83 14.47 30.31
C ASP D 78 -0.20 13.37 29.95
N ARG D 79 0.17 12.11 30.15
CA ARG D 79 -0.84 11.10 30.26
C ARG D 79 -0.84 10.70 31.72
N THR D 80 -2.03 10.31 32.22
CA THR D 80 -2.15 9.75 33.55
C THR D 80 -2.11 8.23 33.45
N ASP D 81 -2.21 7.61 34.59
CA ASP D 81 -2.17 6.15 34.69
C ASP D 81 -3.42 5.40 34.16
N ASN D 82 -4.40 6.15 33.69
CA ASN D 82 -5.59 5.66 32.99
C ASN D 82 -5.35 5.44 31.47
N TYR D 83 -4.16 5.78 31.00
CA TYR D 83 -3.78 5.68 29.59
C TYR D 83 -4.08 4.29 29.01
N LEU D 84 -4.93 4.28 27.97
CA LEU D 84 -5.34 3.08 27.24
C LEU D 84 -4.90 3.20 25.76
N ILE D 85 -4.34 2.11 25.26
CA ILE D 85 -4.01 1.98 23.88
C ILE D 85 -4.91 0.87 23.32
N ILE D 86 -5.65 1.24 22.27
CA ILE D 86 -6.58 0.35 21.62
C ILE D 86 -6.11 0.15 20.18
N GLU D 87 -5.68 -1.06 19.87
CA GLU D 87 -5.28 -1.45 18.55
C GLU D 87 -6.42 -2.24 17.95
N ILE D 88 -6.89 -1.82 16.77
CA ILE D 88 -8.00 -2.42 16.08
C ILE D 88 -7.48 -2.96 14.75
N ILE D 89 -7.58 -4.26 14.57
CA ILE D 89 -7.20 -4.94 13.36
C ILE D 89 -8.47 -5.33 12.58
N MSE D 90 -8.55 -4.90 11.31
CA MSE D 90 -9.77 -4.96 10.54
C MSE D 90 -9.44 -5.11 9.07
O MSE D 90 -8.33 -4.78 8.65
CB MSE D 90 -10.62 -3.70 10.79
CG MSE D 90 -9.95 -2.45 10.20
SE MSE D 90 -10.91 -0.77 10.85
CE MSE D 90 -12.30 -0.88 9.51
N PHE D 91 -10.43 -5.58 8.28
CA PHE D 91 -10.36 -5.69 6.86
C PHE D 91 -10.23 -4.28 6.27
N GLU D 92 -9.34 -4.15 5.31
CA GLU D 92 -9.42 -2.96 4.48
C GLU D 92 -10.76 -2.88 3.70
N GLY D 93 -11.11 -1.67 3.24
CA GLY D 93 -12.22 -1.44 2.35
C GLY D 93 -13.21 -0.43 2.90
N ARG D 94 -13.04 0.03 4.14
CA ARG D 94 -13.98 1.06 4.66
C ARG D 94 -13.49 2.41 4.29
N SER D 95 -14.39 3.37 4.19
CA SER D 95 -13.95 4.71 3.88
C SER D 95 -13.21 5.40 5.04
N VAL D 96 -12.42 6.40 4.69
CA VAL D 96 -11.79 7.32 5.64
C VAL D 96 -12.82 7.96 6.54
N GLU D 97 -13.95 8.36 5.98
CA GLU D 97 -14.94 9.01 6.80
C GLU D 97 -15.55 8.03 7.83
N THR D 98 -15.86 6.79 7.43
CA THR D 98 -16.27 5.79 8.40
C THR D 98 -15.21 5.51 9.50
N LYS D 99 -13.98 5.38 9.11
CA LYS D 99 -12.91 5.13 10.11
C LYS D 99 -12.76 6.29 11.09
N LYS D 100 -12.81 7.52 10.58
CA LYS D 100 -12.74 8.70 11.43
C LYS D 100 -13.92 8.72 12.42
N GLN D 101 -15.10 8.37 11.92
CA GLN D 101 -16.28 8.27 12.73
C GLN D 101 -16.09 7.20 13.84
N LEU D 102 -15.44 6.08 13.51
CA LEU D 102 -15.13 5.08 14.50
C LEU D 102 -14.22 5.65 15.59
N LEU D 103 -13.16 6.33 15.19
CA LEU D 103 -12.24 6.88 16.17
C LEU D 103 -12.99 7.85 17.16
N ARG D 104 -13.78 8.76 16.61
CA ARG D 104 -14.50 9.74 17.40
C ARG D 104 -15.52 9.09 18.34
N ASP D 105 -16.27 8.08 17.88
CA ASP D 105 -17.23 7.35 18.70
C ASP D 105 -16.55 6.63 19.86
N ILE D 106 -15.39 6.03 19.62
CA ILE D 106 -14.69 5.38 20.72
C ILE D 106 -14.19 6.42 21.72
N PHE D 107 -13.61 7.50 21.26
CA PHE D 107 -13.20 8.57 22.20
C PHE D 107 -14.41 9.03 23.06
N LYS D 108 -15.52 9.31 22.42
CA LYS D 108 -16.67 9.85 23.08
C LYS D 108 -17.26 8.85 24.11
N LYS D 109 -17.43 7.58 23.69
CA LYS D 109 -18.05 6.59 24.57
C LYS D 109 -17.25 6.17 25.79
N VAL D 110 -15.95 6.00 25.62
CA VAL D 110 -15.08 5.61 26.72
C VAL D 110 -15.02 6.81 27.70
N ASP D 111 -14.88 8.02 27.17
CA ASP D 111 -14.90 9.25 28.01
C ASP D 111 -16.25 9.39 28.76
N GLU D 112 -17.37 9.22 28.07
CA GLU D 112 -18.66 9.34 28.73
C GLU D 112 -18.89 8.26 29.73
N LYS D 113 -18.55 7.01 29.41
CA LYS D 113 -18.79 5.93 30.33
C LYS D 113 -17.79 5.91 31.49
N PHE D 114 -16.51 6.11 31.26
CA PHE D 114 -15.53 5.97 32.34
C PHE D 114 -14.97 7.27 32.89
N GLY D 115 -15.26 8.43 32.31
CA GLY D 115 -14.58 9.67 32.65
C GLY D 115 -13.06 9.65 32.36
N ILE D 116 -12.62 8.80 31.44
CA ILE D 116 -11.21 8.80 31.04
C ILE D 116 -11.11 9.89 29.97
N SER D 117 -10.29 10.88 30.23
CA SER D 117 -10.07 11.96 29.28
C SER D 117 -9.58 11.41 27.88
N VAL D 118 -10.02 12.04 26.79
CA VAL D 118 -9.55 11.67 25.45
C VAL D 118 -8.05 11.80 25.28
N TYR D 119 -7.38 12.65 26.10
CA TYR D 119 -5.92 12.75 26.08
C TYR D 119 -5.24 11.47 26.55
N ASP D 120 -5.97 10.68 27.33
CA ASP D 120 -5.54 9.40 27.87
C ASP D 120 -6.00 8.18 27.01
N ILE D 121 -6.50 8.43 25.82
CA ILE D 121 -7.01 7.34 24.96
C ILE D 121 -6.30 7.45 23.63
N GLU D 122 -5.73 6.35 23.18
CA GLU D 122 -5.10 6.27 21.87
C GLU D 122 -5.66 5.05 21.10
N ILE D 123 -6.00 5.26 19.82
CA ILE D 123 -6.63 4.24 18.96
C ILE D 123 -5.77 4.14 17.68
N THR D 124 -5.38 2.92 17.32
CA THR D 124 -4.69 2.70 16.05
C THR D 124 -5.37 1.60 15.21
N LEU D 125 -5.67 1.95 13.98
CA LEU D 125 -6.35 1.02 13.01
C LEU D 125 -5.32 0.35 12.11
N PHE D 126 -5.32 -0.98 12.05
CA PHE D 126 -4.44 -1.77 11.17
C PHE D 126 -5.34 -2.44 10.16
N GLU D 127 -5.25 -2.00 8.90
CA GLU D 127 -6.09 -2.52 7.85
C GLU D 127 -5.39 -3.68 7.16
N ILE D 128 -6.10 -4.78 6.96
CA ILE D 128 -5.50 -6.00 6.37
C ILE D 128 -6.33 -6.45 5.17
N PRO D 129 -5.70 -6.72 4.05
CA PRO D 129 -6.49 -7.27 2.89
C PRO D 129 -7.12 -8.58 3.31
N LYS D 130 -8.36 -8.76 2.92
CA LYS D 130 -9.19 -9.93 3.24
C LYS D 130 -8.50 -11.22 2.95
N GLN D 131 -7.81 -11.26 1.82
CA GLN D 131 -7.06 -12.44 1.42
C GLN D 131 -5.90 -12.81 2.31
N ASN D 132 -5.45 -11.89 3.21
CA ASN D 132 -4.41 -12.18 4.15
C ASN D 132 -4.94 -12.75 5.49
N TRP D 133 -6.23 -13.00 5.57
CA TRP D 133 -6.87 -13.37 6.84
C TRP D 133 -7.56 -14.70 6.65
N GLY D 134 -7.24 -15.67 7.45
CA GLY D 134 -7.87 -17.01 7.40
C GLY D 134 -8.92 -17.11 8.51
N ILE D 135 -10.16 -17.39 8.12
CA ILE D 135 -11.34 -17.47 9.02
C ILE D 135 -12.15 -18.73 8.63
N ARG D 136 -12.52 -19.53 9.64
CA ARG D 136 -13.34 -20.74 9.46
C ARG D 136 -12.76 -21.58 8.37
N GLY D 137 -11.44 -21.63 8.28
CA GLY D 137 -10.77 -22.54 7.35
C GLY D 137 -10.49 -21.96 5.98
N ILE D 138 -10.95 -20.74 5.69
CA ILE D 138 -10.70 -20.21 4.36
C ILE D 138 -10.21 -18.78 4.35
N PRO D 139 -9.65 -18.37 3.21
CA PRO D 139 -9.18 -16.98 3.08
C PRO D 139 -10.34 -16.05 3.07
N GLY D 140 -10.15 -14.91 3.68
CA GLY D 140 -11.23 -13.92 3.89
C GLY D 140 -11.88 -13.45 2.62
N ASP D 141 -11.17 -13.45 1.50
CA ASP D 141 -11.81 -12.98 0.26
C ASP D 141 -12.74 -14.05 -0.37
N GLU D 142 -12.86 -15.24 0.22
CA GLU D 142 -13.74 -16.28 -0.30
C GLU D 142 -14.98 -16.57 0.60
N MSE E 23 12.41 -14.82 6.87
CA MSE E 23 11.94 -13.92 7.99
C MSE E 23 10.45 -13.97 8.16
O MSE E 23 9.67 -13.22 7.50
CB MSE E 23 12.36 -12.47 7.84
CG MSE E 23 13.56 -12.08 8.69
SE MSE E 23 13.69 -13.02 10.45
CE MSE E 23 14.89 -14.43 9.75
N VAL E 24 10.06 -14.81 9.11
CA VAL E 24 8.72 -14.97 9.56
C VAL E 24 8.66 -14.98 11.08
N GLN E 25 7.82 -14.13 11.65
CA GLN E 25 7.56 -14.11 13.08
C GLN E 25 6.14 -14.67 13.28
N ILE E 26 5.94 -15.60 14.22
CA ILE E 26 4.59 -15.98 14.64
C ILE E 26 4.31 -15.62 16.09
N LYS E 27 3.13 -15.05 16.29
CA LYS E 27 2.59 -14.79 17.61
C LYS E 27 1.33 -15.55 17.74
N VAL E 28 1.24 -16.32 18.80
CA VAL E 28 0.11 -17.21 18.92
C VAL E 28 -0.60 -16.88 20.21
N TYR E 29 -1.90 -16.65 20.14
CA TYR E 29 -2.67 -16.29 21.32
C TYR E 29 -3.75 -17.30 21.58
N GLY E 30 -3.98 -17.59 22.84
CA GLY E 30 -5.05 -18.57 23.19
C GLY E 30 -5.26 -18.59 24.69
N LEU E 31 -6.30 -19.26 25.14
CA LEU E 31 -6.59 -19.38 26.57
C LEU E 31 -5.50 -20.22 27.23
N ALA E 32 -4.93 -19.71 28.32
CA ALA E 32 -3.74 -20.36 28.90
C ALA E 32 -3.90 -21.89 29.19
N GLU E 33 -5.03 -22.24 29.78
CA GLU E 33 -5.36 -23.57 30.22
C GLU E 33 -5.31 -24.54 29.04
N LYS E 34 -5.70 -24.06 27.85
CA LYS E 34 -5.74 -24.83 26.60
C LYS E 34 -4.49 -24.71 25.79
N LEU E 35 -3.91 -23.51 25.78
CA LEU E 35 -2.73 -23.32 24.98
C LEU E 35 -1.50 -23.95 25.66
N ASN E 36 -1.37 -23.87 26.98
CA ASN E 36 -0.10 -24.32 27.60
C ASN E 36 0.22 -25.83 27.31
N PRO E 37 -0.76 -26.72 27.42
CA PRO E 37 -0.52 -28.13 27.10
C PRO E 37 -0.12 -28.40 25.64
N ILE E 38 -0.42 -27.52 24.69
CA ILE E 38 -0.12 -27.86 23.32
C ILE E 38 0.95 -27.00 22.67
N LYS E 39 1.33 -25.91 23.30
CA LYS E 39 2.15 -24.93 22.59
C LYS E 39 3.47 -25.55 22.07
N ALA E 40 4.12 -26.44 22.83
CA ALA E 40 5.40 -27.02 22.32
C ALA E 40 5.19 -27.80 21.03
N GLU E 41 4.13 -28.59 20.95
CA GLU E 41 3.91 -29.33 19.70
C GLU E 41 3.30 -28.42 18.65
N LEU E 42 2.53 -27.44 19.08
CA LEU E 42 1.95 -26.50 18.11
C LEU E 42 3.06 -25.74 17.43
N SER E 43 4.04 -25.27 18.19
CA SER E 43 5.23 -24.60 17.61
C SER E 43 5.92 -25.48 16.52
N ASN E 44 6.09 -26.77 16.80
CA ASN E 44 6.70 -27.68 15.79
C ASN E 44 5.84 -27.79 14.56
N ILE E 45 4.56 -27.96 14.75
CA ILE E 45 3.64 -28.02 13.61
C ILE E 45 3.66 -26.74 12.73
N LEU E 46 3.70 -25.57 13.35
CA LEU E 46 3.60 -24.31 12.59
C LEU E 46 4.90 -24.12 11.88
N HIS E 47 6.01 -24.43 12.54
CA HIS E 47 7.30 -24.39 11.86
C HIS E 47 7.38 -25.32 10.65
N THR E 48 6.93 -26.54 10.82
CA THR E 48 6.89 -27.46 9.66
C THR E 48 6.11 -26.86 8.52
N SER E 49 4.99 -26.30 8.86
CA SER E 49 4.14 -25.71 7.83
C SER E 49 4.79 -24.50 7.12
N LEU E 50 5.54 -23.65 7.82
CA LEU E 50 6.24 -22.60 7.15
C LEU E 50 7.44 -23.13 6.30
N ILE E 51 8.12 -24.17 6.80
CA ILE E 51 9.22 -24.76 6.08
C ILE E 51 8.68 -25.25 4.75
N GLU E 52 7.59 -26.00 4.77
CA GLU E 52 7.00 -26.59 3.62
C GLU E 52 6.39 -25.68 2.59
N VAL E 53 5.72 -24.61 3.01
CA VAL E 53 4.99 -23.81 2.05
C VAL E 53 5.77 -22.59 1.62
N LEU E 54 6.51 -22.02 2.55
CA LEU E 54 7.29 -20.81 2.29
C LEU E 54 8.82 -21.02 2.16
N GLN E 55 9.32 -22.19 2.52
CA GLN E 55 10.73 -22.55 2.47
C GLN E 55 11.62 -21.74 3.34
N ILE E 56 11.18 -21.39 4.55
CA ILE E 56 12.14 -20.81 5.48
C ILE E 56 13.22 -21.90 5.86
N SER E 57 14.35 -21.46 6.39
CA SER E 57 15.39 -22.34 6.90
C SER E 57 14.91 -22.96 8.23
N PRO E 58 15.12 -24.27 8.41
CA PRO E 58 14.71 -24.92 9.67
C PRO E 58 15.33 -24.33 10.91
N GLU E 59 16.45 -23.65 10.77
CA GLU E 59 17.07 -23.00 11.93
C GLU E 59 16.31 -21.72 12.41
N LYS E 60 15.39 -21.20 11.57
CA LYS E 60 14.82 -19.84 11.77
C LYS E 60 13.37 -19.95 12.27
N ARG E 61 13.22 -20.51 13.47
CA ARG E 61 11.94 -20.63 14.13
C ARG E 61 11.92 -19.42 15.06
N PHE E 62 10.91 -18.58 14.89
CA PHE E 62 10.75 -17.46 15.79
C PHE E 62 9.28 -17.36 16.24
N HIS E 63 8.96 -17.93 17.39
CA HIS E 63 7.56 -17.99 17.81
C HIS E 63 7.45 -17.35 19.15
N ARG E 64 6.36 -16.66 19.39
CA ARG E 64 6.03 -16.16 20.69
C ARG E 64 4.62 -16.59 21.05
N PHE E 65 4.42 -17.07 22.27
CA PHE E 65 3.13 -17.48 22.74
C PHE E 65 2.61 -16.53 23.78
N PHE E 66 1.31 -16.28 23.71
CA PHE E 66 0.60 -15.47 24.69
C PHE E 66 -0.58 -16.23 25.27
N PRO E 67 -0.31 -17.08 26.26
CA PRO E 67 -1.39 -17.71 27.04
C PRO E 67 -2.14 -16.65 27.84
N LEU E 68 -3.43 -16.57 27.62
CA LEU E 68 -4.23 -15.47 28.13
C LEU E 68 -5.05 -15.98 29.26
N ASP E 69 -5.20 -15.14 30.26
CA ASP E 69 -6.20 -15.39 31.32
C ASP E 69 -7.57 -15.33 30.72
N LYS E 70 -8.53 -16.11 31.20
CA LYS E 70 -9.89 -16.02 30.66
C LYS E 70 -10.55 -14.67 30.78
N LEU E 71 -10.16 -13.88 31.78
CA LEU E 71 -10.73 -12.51 31.83
C LEU E 71 -10.13 -11.56 30.79
N ASP E 72 -9.12 -12.03 30.10
CA ASP E 72 -8.45 -11.20 29.08
C ASP E 72 -8.73 -11.60 27.63
N PHE E 73 -9.67 -12.50 27.42
CA PHE E 73 -9.89 -13.07 26.08
C PHE E 73 -11.35 -13.24 25.83
N TYR E 74 -11.89 -12.46 24.91
CA TYR E 74 -13.28 -12.44 24.59
C TYR E 74 -13.40 -12.91 23.16
N TYR E 75 -14.24 -13.92 22.96
CA TYR E 75 -14.49 -14.45 21.63
C TYR E 75 -15.97 -14.80 21.49
N PRO E 76 -16.47 -15.01 20.26
CA PRO E 76 -17.91 -15.27 20.19
C PRO E 76 -18.33 -16.63 20.76
N SER E 77 -19.61 -16.75 21.04
CA SER E 77 -20.18 -17.95 21.67
C SER E 77 -20.12 -19.19 20.77
N ASP E 78 -19.94 -19.05 19.47
CA ASP E 78 -19.69 -20.21 18.65
C ASP E 78 -18.22 -20.56 18.52
N ARG E 79 -17.36 -20.03 19.39
CA ARG E 79 -16.00 -20.54 19.43
C ARG E 79 -15.86 -21.20 20.74
N THR E 80 -15.02 -22.22 20.81
CA THR E 80 -14.74 -22.84 22.10
C THR E 80 -13.50 -22.13 22.74
N ASP E 81 -13.25 -22.55 23.96
CA ASP E 81 -12.02 -22.27 24.72
C ASP E 81 -10.70 -22.68 24.03
N ASN E 82 -10.79 -23.50 22.96
CA ASN E 82 -9.64 -23.90 22.10
C ASN E 82 -9.25 -22.89 21.06
N TYR E 83 -10.02 -21.83 20.97
CA TYR E 83 -9.82 -20.75 20.01
C TYR E 83 -8.37 -20.27 20.04
N LEU E 84 -7.72 -20.27 18.85
CA LEU E 84 -6.39 -19.80 18.63
C LEU E 84 -6.34 -18.72 17.60
N ILE E 85 -5.59 -17.67 17.91
CA ILE E 85 -5.33 -16.61 16.94
C ILE E 85 -3.84 -16.65 16.62
N ILE E 86 -3.54 -16.79 15.33
CA ILE E 86 -2.21 -16.97 14.90
C ILE E 86 -1.80 -15.78 14.00
N GLU E 87 -0.91 -14.94 14.48
CA GLU E 87 -0.52 -13.78 13.70
C GLU E 87 0.83 -14.03 13.08
N ILE E 88 0.96 -13.83 11.80
CA ILE E 88 2.23 -14.16 11.13
C ILE E 88 2.75 -12.87 10.49
N ILE E 89 3.96 -12.46 10.87
CA ILE E 89 4.53 -11.21 10.34
C ILE E 89 5.59 -11.62 9.39
N MSE E 90 5.59 -11.09 8.17
CA MSE E 90 6.47 -11.68 7.12
C MSE E 90 6.79 -10.65 6.07
O MSE E 90 6.06 -9.67 5.92
CB MSE E 90 5.86 -12.91 6.40
CG MSE E 90 4.57 -12.52 5.68
SE MSE E 90 3.49 -14.12 5.01
CE MSE E 90 4.55 -14.33 3.41
N PHE E 91 7.86 -10.91 5.31
CA PHE E 91 8.24 -10.02 4.23
C PHE E 91 7.15 -10.01 3.17
N GLU E 92 6.83 -8.84 2.65
CA GLU E 92 6.11 -8.73 1.35
C GLU E 92 6.79 -9.49 0.26
N GLY E 93 6.05 -9.93 -0.75
CA GLY E 93 6.65 -10.42 -1.97
C GLY E 93 6.19 -11.81 -2.39
N ARG E 94 5.53 -12.55 -1.50
CA ARG E 94 5.00 -13.86 -1.88
C ARG E 94 3.72 -13.67 -2.67
N SER E 95 3.40 -14.62 -3.55
CA SER E 95 2.13 -14.57 -4.28
C SER E 95 0.90 -14.74 -3.39
N VAL E 96 -0.23 -14.24 -3.87
CA VAL E 96 -1.51 -14.52 -3.22
C VAL E 96 -1.73 -16.02 -3.06
N GLU E 97 -1.36 -16.78 -4.09
CA GLU E 97 -1.58 -18.24 -4.05
C GLU E 97 -0.75 -18.91 -3.01
N THR E 98 0.51 -18.53 -2.86
CA THR E 98 1.34 -19.09 -1.76
C THR E 98 0.73 -18.72 -0.39
N LYS E 99 0.30 -17.48 -0.23
CA LYS E 99 -0.27 -17.02 1.05
C LYS E 99 -1.49 -17.82 1.36
N LYS E 100 -2.37 -18.03 0.37
CA LYS E 100 -3.56 -18.84 0.59
C LYS E 100 -3.22 -20.28 0.94
N GLN E 101 -2.19 -20.81 0.32
CA GLN E 101 -1.76 -22.19 0.62
C GLN E 101 -1.25 -22.30 2.05
N LEU E 102 -0.55 -21.26 2.50
CA LEU E 102 -0.08 -21.24 3.86
C LEU E 102 -1.26 -21.25 4.78
N LEU E 103 -2.24 -20.41 4.51
CA LEU E 103 -3.44 -20.41 5.36
C LEU E 103 -4.07 -21.81 5.45
N ARG E 104 -4.35 -22.41 4.30
CA ARG E 104 -5.02 -23.76 4.31
C ARG E 104 -4.15 -24.80 4.97
N ASP E 105 -2.83 -24.75 4.78
CA ASP E 105 -1.99 -25.75 5.35
C ASP E 105 -1.99 -25.66 6.91
N ILE E 106 -1.99 -24.45 7.44
CA ILE E 106 -2.02 -24.30 8.88
C ILE E 106 -3.35 -24.82 9.41
N PHE E 107 -4.45 -24.45 8.76
CA PHE E 107 -5.75 -25.00 9.14
C PHE E 107 -5.76 -26.55 9.14
N LYS E 108 -5.31 -27.15 8.04
CA LYS E 108 -5.27 -28.61 7.95
C LYS E 108 -4.35 -29.26 8.96
N LYS E 109 -3.17 -28.74 9.18
CA LYS E 109 -2.24 -29.37 10.08
C LYS E 109 -2.61 -29.27 11.56
N VAL E 110 -3.27 -28.18 11.96
CA VAL E 110 -3.70 -28.01 13.36
C VAL E 110 -4.92 -28.86 13.63
N ASP E 111 -5.81 -28.91 12.64
CA ASP E 111 -6.90 -29.90 12.63
C ASP E 111 -6.39 -31.34 12.84
N GLU E 112 -5.43 -31.77 12.04
CA GLU E 112 -4.91 -33.15 12.04
C GLU E 112 -4.22 -33.51 13.35
N LYS E 113 -3.28 -32.68 13.74
CA LYS E 113 -2.55 -32.91 14.93
C LYS E 113 -3.39 -32.82 16.21
N PHE E 114 -4.25 -31.82 16.35
CA PHE E 114 -4.92 -31.58 17.64
C PHE E 114 -6.42 -31.75 17.68
N GLY E 115 -7.07 -31.87 16.53
CA GLY E 115 -8.53 -31.89 16.47
C GLY E 115 -9.27 -30.64 16.82
N ILE E 116 -8.63 -29.50 16.58
CA ILE E 116 -9.24 -28.21 16.80
C ILE E 116 -9.88 -27.83 15.49
N SER E 117 -11.12 -27.43 15.59
CA SER E 117 -11.93 -27.10 14.45
C SER E 117 -11.39 -25.89 13.74
N VAL E 118 -11.62 -25.83 12.43
CA VAL E 118 -11.24 -24.69 11.67
C VAL E 118 -12.05 -23.49 12.13
N TYR E 119 -13.26 -23.70 12.70
CA TYR E 119 -14.01 -22.58 13.19
C TYR E 119 -13.37 -21.96 14.43
N ASP E 120 -12.46 -22.68 15.08
CA ASP E 120 -11.73 -22.21 16.27
C ASP E 120 -10.33 -21.69 16.00
N ILE E 121 -9.95 -21.63 14.73
CA ILE E 121 -8.59 -21.16 14.34
C ILE E 121 -8.72 -19.91 13.47
N GLU E 122 -7.94 -18.89 13.80
CA GLU E 122 -7.89 -17.69 13.00
C GLU E 122 -6.46 -17.32 12.71
N ILE E 123 -6.18 -16.83 11.51
CA ILE E 123 -4.78 -16.60 11.09
C ILE E 123 -4.79 -15.27 10.37
N THR E 124 -3.85 -14.40 10.70
CA THR E 124 -3.71 -13.13 10.02
C THR E 124 -2.27 -12.96 9.61
N LEU E 125 -2.08 -12.66 8.33
CA LEU E 125 -0.75 -12.40 7.78
C LEU E 125 -0.51 -10.87 7.71
N PHE E 126 0.54 -10.38 8.37
CA PHE E 126 0.97 -8.99 8.26
C PHE E 126 2.25 -8.94 7.45
N GLU E 127 2.14 -8.34 6.31
CA GLU E 127 3.25 -8.19 5.35
C GLU E 127 4.00 -6.90 5.57
N ILE E 128 5.32 -6.98 5.59
CA ILE E 128 6.19 -5.81 5.86
C ILE E 128 7.15 -5.66 4.73
N PRO E 129 7.30 -4.44 4.19
CA PRO E 129 8.40 -4.27 3.16
C PRO E 129 9.78 -4.60 3.77
N LYS E 130 10.66 -5.21 2.98
CA LYS E 130 12.00 -5.64 3.47
C LYS E 130 12.84 -4.55 4.17
N GLN E 131 12.81 -3.38 3.61
CA GLN E 131 13.53 -2.27 4.16
C GLN E 131 13.01 -1.81 5.53
N ASN E 132 11.80 -2.27 5.94
CA ASN E 132 11.22 -2.00 7.26
C ASN E 132 11.58 -2.96 8.34
N TRP E 133 12.49 -3.85 8.04
CA TRP E 133 12.86 -4.92 8.93
C TRP E 133 14.38 -4.92 9.12
N GLY E 134 14.84 -4.83 10.36
CA GLY E 134 16.30 -4.87 10.63
C GLY E 134 16.60 -6.24 11.13
N ILE E 135 17.51 -6.92 10.43
CA ILE E 135 17.90 -8.25 10.72
C ILE E 135 19.42 -8.37 10.63
N ARG E 136 20.04 -9.00 11.65
CA ARG E 136 21.48 -9.25 11.65
C ARG E 136 22.25 -7.98 11.40
N GLY E 137 21.80 -6.86 11.95
CA GLY E 137 22.52 -5.60 11.85
C GLY E 137 22.23 -4.70 10.66
N ILE E 138 21.47 -5.20 9.67
CA ILE E 138 21.20 -4.45 8.47
C ILE E 138 19.70 -4.47 8.11
N PRO E 139 19.26 -3.50 7.31
CA PRO E 139 17.92 -3.49 6.78
C PRO E 139 17.69 -4.66 5.87
N GLY E 140 16.48 -5.17 5.91
CA GLY E 140 16.18 -6.43 5.30
C GLY E 140 16.41 -6.49 3.79
N ASP E 141 16.39 -5.35 3.12
CA ASP E 141 16.63 -5.35 1.72
C ASP E 141 18.09 -5.34 1.34
N GLU E 142 19.03 -5.50 2.29
CA GLU E 142 20.48 -5.47 2.00
C GLU E 142 21.15 -6.85 2.24
N SER F 22 18.04 8.94 -9.02
CA SER F 22 17.31 7.75 -9.55
C SER F 22 16.28 8.11 -10.68
N MSE F 23 15.30 7.24 -10.82
CA MSE F 23 14.41 7.24 -11.94
C MSE F 23 13.23 8.11 -11.64
O MSE F 23 12.45 7.77 -10.75
CB MSE F 23 13.73 5.88 -11.92
CG MSE F 23 14.19 4.80 -12.77
SE MSE F 23 14.45 5.32 -14.64
CE MSE F 23 13.11 6.71 -15.07
N VAL F 24 13.04 9.17 -12.40
CA VAL F 24 11.79 9.94 -12.33
C VAL F 24 11.32 10.15 -13.77
N GLN F 25 10.11 9.67 -14.10
CA GLN F 25 9.49 9.92 -15.43
C GLN F 25 8.49 11.03 -15.29
N ILE F 26 8.48 12.01 -16.18
CA ILE F 26 7.46 13.04 -16.14
C ILE F 26 6.63 12.97 -17.39
N LYS F 27 5.29 13.03 -17.23
CA LYS F 27 4.43 13.18 -18.36
C LYS F 27 3.62 14.43 -18.27
N VAL F 28 3.61 15.20 -19.34
CA VAL F 28 2.91 16.51 -19.31
C VAL F 28 1.85 16.57 -20.40
N TYR F 29 0.67 17.04 -20.02
CA TYR F 29 -0.50 17.06 -20.85
C TYR F 29 -1.03 18.51 -20.83
N GLY F 30 -1.42 19.00 -21.98
CA GLY F 30 -2.00 20.34 -22.11
C GLY F 30 -2.51 20.53 -23.53
N LEU F 31 -3.28 21.59 -23.75
CA LEU F 31 -3.76 21.93 -25.04
C LEU F 31 -2.56 22.17 -26.01
N ALA F 32 -2.61 21.53 -27.18
CA ALA F 32 -1.51 21.61 -28.18
C ALA F 32 -1.05 23.01 -28.44
N GLU F 33 -2.01 23.89 -28.69
CA GLU F 33 -1.71 25.29 -29.09
C GLU F 33 -1.06 26.07 -27.97
N LYS F 34 -1.25 25.69 -26.71
CA LYS F 34 -0.53 26.34 -25.61
C LYS F 34 0.75 25.60 -25.19
N LEU F 35 0.68 24.26 -25.21
CA LEU F 35 1.80 23.43 -24.77
C LEU F 35 2.95 23.47 -25.78
N ASN F 36 2.67 23.39 -27.07
CA ASN F 36 3.78 23.22 -28.04
C ASN F 36 4.79 24.39 -28.05
N PRO F 37 4.29 25.63 -27.92
CA PRO F 37 5.24 26.77 -27.90
C PRO F 37 6.20 26.77 -26.69
N ILE F 38 5.76 26.20 -25.55
CA ILE F 38 6.56 26.29 -24.33
C ILE F 38 7.23 25.01 -23.87
N LYS F 39 6.93 23.89 -24.50
CA LYS F 39 7.33 22.60 -23.94
C LYS F 39 8.84 22.43 -23.86
N ALA F 40 9.61 23.00 -24.80
CA ALA F 40 11.08 22.89 -24.71
C ALA F 40 11.58 23.56 -23.43
N GLU F 41 11.11 24.77 -23.17
CA GLU F 41 11.49 25.49 -21.96
C GLU F 41 10.84 24.86 -20.70
N LEU F 42 9.59 24.41 -20.77
CA LEU F 42 8.97 23.77 -19.60
C LEU F 42 9.77 22.53 -19.24
N SER F 43 10.25 21.81 -20.26
CA SER F 43 11.11 20.66 -19.99
C SER F 43 12.34 21.07 -19.18
N ASN F 44 13.00 22.17 -19.54
CA ASN F 44 14.18 22.65 -18.74
C ASN F 44 13.81 23.10 -17.31
N ILE F 45 12.69 23.76 -17.13
CA ILE F 45 12.22 24.22 -15.83
C ILE F 45 11.91 23.03 -14.91
N LEU F 46 11.19 22.04 -15.43
CA LEU F 46 10.82 20.86 -14.64
C LEU F 46 12.04 20.10 -14.21
N HIS F 47 12.99 19.97 -15.10
CA HIS F 47 14.21 19.20 -14.78
C HIS F 47 15.11 19.92 -13.71
N THR F 48 15.16 21.23 -13.80
CA THR F 48 15.86 22.03 -12.79
C THR F 48 15.21 21.85 -11.42
N SER F 49 13.88 21.83 -11.39
CA SER F 49 13.17 21.60 -10.17
C SER F 49 13.46 20.23 -9.57
N LEU F 50 13.57 19.20 -10.38
CA LEU F 50 13.83 17.89 -9.82
C LEU F 50 15.28 17.80 -9.35
N ILE F 51 16.18 18.50 -10.04
CA ILE F 51 17.59 18.50 -9.67
C ILE F 51 17.74 19.17 -8.31
N GLU F 52 17.12 20.30 -8.15
CA GLU F 52 17.22 21.04 -6.96
C GLU F 52 16.52 20.34 -5.79
N VAL F 53 15.31 19.81 -6.01
CA VAL F 53 14.57 19.24 -4.89
C VAL F 53 14.84 17.75 -4.59
N LEU F 54 14.91 16.88 -5.61
CA LEU F 54 15.16 15.46 -5.38
C LEU F 54 16.63 15.11 -5.52
N GLN F 55 17.40 16.01 -6.09
CA GLN F 55 18.82 15.80 -6.26
C GLN F 55 19.10 14.67 -7.19
N ILE F 56 18.30 14.51 -8.24
CA ILE F 56 18.61 13.57 -9.30
C ILE F 56 19.84 14.07 -10.11
N SER F 57 20.52 13.16 -10.80
CA SER F 57 21.60 13.54 -11.71
C SER F 57 21.13 14.49 -12.80
N PRO F 58 21.94 15.47 -13.15
CA PRO F 58 21.40 16.36 -14.17
C PRO F 58 21.41 15.72 -15.56
N GLU F 59 22.09 14.61 -15.76
CA GLU F 59 21.98 13.87 -17.05
C GLU F 59 20.64 13.24 -17.31
N LYS F 60 19.93 12.87 -16.22
CA LYS F 60 18.82 11.91 -16.24
C LYS F 60 17.42 12.58 -16.31
N ARG F 61 17.16 13.15 -17.49
CA ARG F 61 15.90 13.76 -17.82
C ARG F 61 15.08 12.73 -18.62
N PHE F 62 13.92 12.35 -18.08
CA PHE F 62 12.93 11.50 -18.82
C PHE F 62 11.57 12.13 -18.90
N HIS F 63 11.28 12.71 -20.05
CA HIS F 63 10.05 13.54 -20.16
C HIS F 63 9.29 13.09 -21.38
N ARG F 64 8.00 13.01 -21.23
CA ARG F 64 7.09 12.89 -22.36
C ARG F 64 6.00 13.91 -22.35
N PHE F 65 5.75 14.50 -23.52
CA PHE F 65 4.69 15.49 -23.71
C PHE F 65 3.55 14.96 -24.57
N PHE F 66 2.35 15.41 -24.20
CA PHE F 66 1.12 14.99 -24.78
C PHE F 66 0.28 16.22 -25.10
N PRO F 67 0.63 16.93 -26.19
CA PRO F 67 -0.20 18.01 -26.70
C PRO F 67 -1.53 17.44 -27.19
N LEU F 68 -2.64 17.98 -26.71
CA LEU F 68 -3.97 17.48 -26.97
C LEU F 68 -4.76 18.48 -27.81
N ASP F 69 -5.58 17.89 -28.69
CA ASP F 69 -6.57 18.61 -29.49
C ASP F 69 -7.64 19.13 -28.58
N LYS F 70 -8.20 20.26 -28.98
CA LYS F 70 -9.24 20.97 -28.20
C LYS F 70 -10.38 20.06 -27.78
N LEU F 71 -10.81 19.23 -28.68
CA LEU F 71 -11.94 18.36 -28.41
C LEU F 71 -11.56 17.14 -27.52
N ASP F 72 -10.27 16.93 -27.18
CA ASP F 72 -9.83 15.79 -26.36
C ASP F 72 -9.49 16.18 -24.93
N PHE F 73 -9.67 17.44 -24.58
CA PHE F 73 -9.26 17.96 -23.29
C PHE F 73 -10.37 18.82 -22.65
N TYR F 74 -10.99 18.30 -21.60
CA TYR F 74 -12.01 19.03 -20.86
C TYR F 74 -11.51 19.34 -19.51
N TYR F 75 -11.60 20.62 -19.14
CA TYR F 75 -11.16 21.08 -17.83
C TYR F 75 -12.26 22.01 -17.30
N PRO F 76 -12.24 22.30 -16.02
CA PRO F 76 -13.35 23.10 -15.51
C PRO F 76 -13.41 24.57 -16.03
N SER F 77 -14.63 25.14 -16.06
CA SER F 77 -14.80 26.48 -16.61
C SER F 77 -14.08 27.57 -15.86
N ASP F 78 -13.83 27.37 -14.57
CA ASP F 78 -13.06 28.37 -13.87
C ASP F 78 -11.61 28.40 -14.34
N ARG F 79 -11.14 27.33 -15.00
CA ARG F 79 -9.71 27.26 -15.39
C ARG F 79 -9.52 27.77 -16.84
N THR F 80 -8.31 28.15 -17.22
CA THR F 80 -8.10 28.65 -18.58
C THR F 80 -7.45 27.58 -19.47
N ASP F 81 -7.34 27.89 -20.75
CA ASP F 81 -6.80 26.91 -21.69
C ASP F 81 -5.28 26.77 -21.50
N ASN F 82 -4.71 27.44 -20.49
CA ASN F 82 -3.34 27.22 -20.07
C ASN F 82 -3.19 25.98 -19.12
N TYR F 83 -4.31 25.30 -18.84
CA TYR F 83 -4.32 24.22 -17.91
C TYR F 83 -3.28 23.19 -18.29
N LEU F 84 -2.36 22.92 -17.38
CA LEU F 84 -1.33 21.88 -17.53
C LEU F 84 -1.48 20.79 -16.48
N ILE F 85 -1.39 19.54 -16.89
CA ILE F 85 -1.35 18.38 -15.97
C ILE F 85 0.02 17.71 -16.05
N ILE F 86 0.66 17.54 -14.91
CA ILE F 86 1.98 17.02 -14.79
C ILE F 86 1.87 15.75 -13.91
N GLU F 87 2.24 14.61 -14.45
CA GLU F 87 2.23 13.37 -13.75
C GLU F 87 3.69 12.96 -13.58
N ILE F 88 4.07 12.57 -12.38
CA ILE F 88 5.46 12.23 -12.08
C ILE F 88 5.43 10.84 -11.58
N ILE F 89 6.18 9.95 -12.20
CA ILE F 89 6.30 8.59 -11.73
C ILE F 89 7.75 8.37 -11.17
N MSE F 90 7.89 7.87 -9.93
CA MSE F 90 9.17 7.80 -9.27
C MSE F 90 9.24 6.65 -8.33
O MSE F 90 8.20 6.07 -8.00
CB MSE F 90 9.39 9.10 -8.48
CG MSE F 90 8.33 9.36 -7.38
SE MSE F 90 8.36 11.21 -6.56
CE MSE F 90 9.83 10.85 -5.41
N PHE F 91 10.44 6.34 -7.86
CA PHE F 91 10.58 5.33 -6.85
C PHE F 91 9.95 5.75 -5.54
N GLU F 92 9.31 4.83 -4.88
CA GLU F 92 8.91 5.08 -3.51
C GLU F 92 10.17 5.27 -2.66
N GLY F 93 10.04 5.98 -1.56
CA GLY F 93 11.18 6.08 -0.69
C GLY F 93 11.51 7.48 -0.22
N ARG F 94 10.94 8.47 -0.86
CA ARG F 94 11.16 9.88 -0.44
C ARG F 94 10.17 10.30 0.71
N SER F 95 10.55 11.23 1.57
CA SER F 95 9.74 11.75 2.64
C SER F 95 8.59 12.49 2.04
N VAL F 96 7.52 12.59 2.81
CA VAL F 96 6.42 13.45 2.51
C VAL F 96 6.83 14.94 2.44
N GLU F 97 7.76 15.36 3.30
CA GLU F 97 8.26 16.75 3.25
C GLU F 97 8.90 16.98 1.91
N THR F 98 9.73 16.04 1.47
CA THR F 98 10.40 16.24 0.16
C THR F 98 9.39 16.29 -1.00
N LYS F 99 8.40 15.39 -0.99
CA LYS F 99 7.45 15.36 -2.09
C LYS F 99 6.62 16.63 -2.11
N LYS F 100 6.28 17.12 -0.93
CA LYS F 100 5.60 18.39 -0.85
C LYS F 100 6.51 19.56 -1.27
N GLN F 101 7.80 19.52 -0.99
CA GLN F 101 8.68 20.57 -1.47
C GLN F 101 8.70 20.56 -3.00
N LEU F 102 8.61 19.39 -3.57
CA LEU F 102 8.67 19.28 -5.06
C LEU F 102 7.46 19.86 -5.65
N LEU F 103 6.31 19.54 -5.10
CA LEU F 103 5.07 20.13 -5.59
C LEU F 103 5.15 21.65 -5.53
N ARG F 104 5.55 22.17 -4.37
CA ARG F 104 5.60 23.64 -4.21
C ARG F 104 6.60 24.28 -5.19
N ASP F 105 7.72 23.61 -5.41
CA ASP F 105 8.73 24.14 -6.28
C ASP F 105 8.27 24.19 -7.74
N ILE F 106 7.65 23.12 -8.23
CA ILE F 106 7.12 23.14 -9.59
C ILE F 106 6.10 24.26 -9.82
N PHE F 107 5.19 24.43 -8.88
CA PHE F 107 4.13 25.46 -9.02
C PHE F 107 4.76 26.83 -9.15
N LYS F 108 5.76 27.06 -8.31
CA LYS F 108 6.36 28.39 -8.22
C LYS F 108 7.14 28.67 -9.49
N LYS F 109 7.95 27.71 -9.90
CA LYS F 109 8.78 27.95 -11.08
C LYS F 109 8.02 28.03 -12.38
N VAL F 110 6.89 27.33 -12.46
CA VAL F 110 6.12 27.33 -13.70
C VAL F 110 5.36 28.64 -13.75
N ASP F 111 4.85 29.05 -12.59
CA ASP F 111 4.17 30.32 -12.50
C ASP F 111 5.15 31.46 -12.84
N GLU F 112 6.33 31.47 -12.26
CA GLU F 112 7.26 32.54 -12.50
C GLU F 112 7.72 32.62 -13.95
N LYS F 113 7.99 31.48 -14.56
CA LYS F 113 8.58 31.51 -15.86
C LYS F 113 7.53 31.73 -16.95
N PHE F 114 6.34 31.17 -16.79
CA PHE F 114 5.36 31.17 -17.84
C PHE F 114 4.16 32.05 -17.57
N GLY F 115 4.05 32.65 -16.40
CA GLY F 115 2.83 33.38 -16.11
C GLY F 115 1.63 32.46 -16.07
N ILE F 116 1.83 31.15 -15.85
CA ILE F 116 0.67 30.30 -15.65
C ILE F 116 0.32 30.25 -14.15
N SER F 117 -0.93 30.61 -13.88
CA SER F 117 -1.45 30.62 -12.50
C SER F 117 -1.43 29.23 -11.89
N VAL F 118 -1.18 29.16 -10.58
CA VAL F 118 -1.14 27.86 -9.88
C VAL F 118 -2.50 27.14 -9.98
N TYR F 119 -3.58 27.88 -10.23
CA TYR F 119 -4.90 27.29 -10.43
C TYR F 119 -5.00 26.51 -11.72
N ASP F 120 -4.04 26.76 -12.62
CA ASP F 120 -4.04 26.15 -13.94
C ASP F 120 -2.91 25.10 -14.01
N ILE F 121 -2.36 24.72 -12.86
CA ILE F 121 -1.38 23.68 -12.77
C ILE F 121 -1.88 22.53 -11.83
N GLU F 122 -1.75 21.30 -12.29
CA GLU F 122 -2.09 20.15 -11.50
C GLU F 122 -0.98 19.13 -11.59
N ILE F 123 -0.61 18.55 -10.46
CA ILE F 123 0.59 17.71 -10.37
C ILE F 123 0.22 16.47 -9.60
N THR F 124 0.47 15.31 -10.18
CA THR F 124 0.24 14.06 -9.43
C THR F 124 1.47 13.20 -9.41
N LEU F 125 1.78 12.62 -8.25
CA LEU F 125 2.90 11.74 -8.09
C LEU F 125 2.44 10.29 -7.90
N PHE F 126 3.01 9.42 -8.68
CA PHE F 126 2.87 7.95 -8.54
C PHE F 126 4.16 7.36 -8.10
N GLU F 127 4.13 6.66 -6.99
CA GLU F 127 5.27 6.05 -6.42
C GLU F 127 5.20 4.61 -6.70
N ILE F 128 6.32 4.03 -7.14
CA ILE F 128 6.39 2.63 -7.58
C ILE F 128 7.44 1.95 -6.76
N PRO F 129 7.21 0.75 -6.23
CA PRO F 129 8.37 0.12 -5.56
C PRO F 129 9.44 -0.25 -6.56
N LYS F 130 10.67 -0.31 -6.07
CA LYS F 130 11.83 -0.49 -6.89
C LYS F 130 11.79 -1.79 -7.64
N GLN F 131 11.32 -2.82 -6.98
CA GLN F 131 11.30 -4.16 -7.64
C GLN F 131 10.28 -4.26 -8.82
N ASN F 132 9.43 -3.25 -8.97
CA ASN F 132 8.41 -3.18 -10.00
C ASN F 132 8.93 -2.42 -11.21
N TRP F 133 10.19 -2.07 -11.25
CA TRP F 133 10.68 -1.23 -12.35
C TRP F 133 11.91 -1.90 -12.94
N GLY F 134 11.93 -2.13 -14.24
CA GLY F 134 13.00 -2.77 -14.94
C GLY F 134 13.80 -1.64 -15.64
N ILE F 135 15.09 -1.54 -15.33
CA ILE F 135 15.94 -0.47 -15.82
C ILE F 135 17.27 -1.05 -16.25
N ARG F 136 17.72 -0.74 -17.47
CA ARG F 136 18.98 -1.24 -17.99
C ARG F 136 19.14 -2.71 -17.79
N GLY F 137 18.11 -3.49 -18.09
CA GLY F 137 18.22 -4.94 -18.05
C GLY F 137 18.01 -5.58 -16.71
N ILE F 138 17.82 -4.81 -15.66
CA ILE F 138 17.65 -5.48 -14.39
C ILE F 138 16.45 -4.89 -13.55
N PRO F 139 15.94 -5.66 -12.61
CA PRO F 139 15.03 -5.06 -11.61
C PRO F 139 15.69 -3.94 -10.77
N GLY F 140 14.94 -2.87 -10.53
CA GLY F 140 15.41 -1.63 -9.92
C GLY F 140 15.96 -1.79 -8.51
N ASP F 141 15.51 -2.79 -7.78
CA ASP F 141 16.03 -3.01 -6.44
C ASP F 141 17.36 -3.74 -6.53
N GLU F 142 17.82 -4.09 -7.72
CA GLU F 142 19.11 -4.70 -7.84
C GLU F 142 20.06 -3.69 -8.37
C1 GOL G . 12.12 -22.71 24.10
O1 GOL G . 11.33 -23.71 24.83
C2 GOL G . 13.53 -23.13 23.64
O2 GOL G . 13.42 -24.07 22.55
C3 GOL G . 14.46 -22.00 23.15
O3 GOL G . 14.26 -21.49 21.77
S SO4 H . 13.06 12.42 6.57
O1 SO4 H . 13.91 12.08 5.37
O2 SO4 H . 13.91 12.66 7.73
O3 SO4 H . 12.24 13.63 6.29
O4 SO4 H . 12.22 11.27 6.87
S SO4 I . -0.92 7.94 -20.91
O1 SO4 I . -1.45 9.31 -20.88
O2 SO4 I . 0.51 7.99 -21.29
O3 SO4 I . -1.09 7.42 -19.55
O4 SO4 I . -1.58 7.06 -21.88
C1 GOL J . -6.12 -4.43 -34.07
O1 GOL J . -4.79 -4.12 -34.56
C2 GOL J . -6.31 -5.91 -33.61
O2 GOL J . -6.93 -6.06 -32.24
C3 GOL J . -7.07 -6.59 -34.77
O3 GOL J . -8.42 -6.79 -34.41
C1 GOL K . 7.25 4.46 34.25
O1 GOL K . 7.51 3.05 34.56
C2 GOL K . 5.85 5.00 34.68
O2 GOL K . 5.60 5.18 36.09
C3 GOL K . 5.59 6.37 34.08
O3 GOL K . 5.42 6.26 32.63
S SO4 L . 1.16 -7.91 20.89
O1 SO4 L . 1.11 -7.34 19.54
O2 SO4 L . 2.47 -8.59 20.94
O3 SO4 L . 1.11 -6.81 21.87
O4 SO4 L . 0.00 -8.83 21.01
S SO4 M . -18.16 2.87 4.54
O1 SO4 M . -18.28 4.33 4.20
O2 SO4 M . -16.79 2.49 4.86
O3 SO4 M . -18.95 2.62 5.77
O4 SO4 M . -18.77 2.11 3.39
C1 GOL N . -15.98 -13.93 28.20
O1 GOL N . -14.56 -13.91 28.48
C2 GOL N . -16.28 -14.96 27.10
O2 GOL N . -15.52 -14.98 25.82
C3 GOL N . -16.13 -16.31 27.80
O3 GOL N . -17.30 -17.04 27.42
S SO4 O . 5.79 -17.62 -4.56
O1 SO4 O . 4.74 -17.77 -5.63
O2 SO4 O . 7.11 -17.34 -5.21
O3 SO4 O . 5.42 -16.57 -3.56
O4 SO4 O . 5.91 -18.92 -3.86
#